data_5OHM
#
_entry.id   5OHM
#
_cell.length_a   55.866
_cell.length_b   149.604
_cell.length_c   73.788
_cell.angle_alpha   90.00
_cell.angle_beta   110.44
_cell.angle_gamma   90.00
#
_symmetry.space_group_name_H-M   'P 1 21 1'
#
loop_
_entity.id
_entity.type
_entity.pdbx_description
1 polymer Polyubiquitin-C
2 polymer 'K33-specific affimer'
3 non-polymer 'POLYETHYLENE GLYCOL (N=34)'
#
loop_
_entity_poly.entity_id
_entity_poly.type
_entity_poly.pdbx_seq_one_letter_code
_entity_poly.pdbx_strand_id
1 'polypeptide(L)' MQIFVKTLTGKTITLEVEPSDTIENVKAKIQDKEGIPPDQQRLIFAGKQLEDGRTLSDYNIQKESTLHLVLRLRGGV A,C,E,G,I,K
2 'polypeptide(L)'
;MSAATGVRAVPGNENSLEIEELARFAVDEHNKKENALLEFVRVVKAKEQIWEMDASKETMYYLTLEAKDGGKKKLYEAKV
WVKMTHWIGAMNNFKELQEFKPVGDAAAAHHHHHHG
;
D,H,L,B,F,J
#
# COMPACT_ATOMS: atom_id res chain seq x y z
N MET A 1 25.83 -3.29 13.21
CA MET A 1 24.56 -2.87 12.62
C MET A 1 24.46 -3.34 11.17
N GLN A 2 23.28 -3.17 10.58
CA GLN A 2 23.03 -3.52 9.20
C GLN A 2 22.85 -2.24 8.40
N ILE A 3 23.54 -2.16 7.26
CA ILE A 3 23.43 -1.03 6.36
C ILE A 3 23.10 -1.55 4.97
N PHE A 4 22.63 -0.65 4.12
CA PHE A 4 22.24 -1.00 2.77
C PHE A 4 23.22 -0.43 1.75
N VAL A 5 23.47 -1.18 0.69
CA VAL A 5 24.21 -0.72 -0.47
C VAL A 5 23.34 -1.00 -1.68
N LYS A 6 22.95 0.05 -2.39
CA LYS A 6 22.08 -0.07 -3.53
C LYS A 6 22.79 0.43 -4.78
N THR A 7 22.38 -0.09 -5.93
CA THR A 7 22.87 0.40 -7.20
C THR A 7 21.88 1.41 -7.77
N LEU A 8 22.25 2.00 -8.90
CA LEU A 8 21.43 3.04 -9.51
C LEU A 8 20.06 2.51 -9.92
N THR A 9 19.92 1.20 -10.08
CA THR A 9 18.67 0.60 -10.51
C THR A 9 17.73 0.26 -9.36
N GLY A 10 18.22 0.27 -8.14
CA GLY A 10 17.41 -0.06 -6.99
C GLY A 10 17.56 -1.47 -6.54
N LYS A 11 18.51 -2.22 -7.12
CA LYS A 11 18.84 -3.53 -6.60
C LYS A 11 19.65 -3.35 -5.33
N THR A 12 19.30 -4.09 -4.30
CA THR A 12 19.79 -3.80 -2.96
C THR A 12 20.42 -5.03 -2.34
N ILE A 13 21.58 -4.82 -1.70
CA ILE A 13 22.16 -5.83 -0.83
C ILE A 13 22.33 -5.19 0.54
N THR A 14 22.50 -6.04 1.55
CA THR A 14 22.63 -5.59 2.92
C THR A 14 23.88 -6.20 3.52
N LEU A 15 24.68 -5.38 4.18
CA LEU A 15 25.90 -5.83 4.84
C LEU A 15 25.80 -5.53 6.32
N GLU A 16 26.23 -6.48 7.14
CA GLU A 16 26.32 -6.26 8.58
C GLU A 16 27.71 -5.71 8.88
N VAL A 17 27.76 -4.48 9.37
CA VAL A 17 29.02 -3.79 9.61
C VAL A 17 28.94 -3.11 10.97
N GLU A 18 30.09 -2.59 11.39
CA GLU A 18 30.23 -1.78 12.58
C GLU A 18 30.73 -0.40 12.17
N PRO A 19 30.37 0.65 12.91
CA PRO A 19 30.86 1.99 12.55
C PRO A 19 32.37 2.09 12.52
N SER A 20 33.08 1.13 13.12
CA SER A 20 34.53 1.08 13.04
C SER A 20 35.01 0.62 11.67
N ASP A 21 34.16 -0.06 10.90
CA ASP A 21 34.57 -0.59 9.61
C ASP A 21 34.91 0.53 8.64
N THR A 22 35.80 0.23 7.71
CA THR A 22 36.27 1.17 6.70
C THR A 22 35.56 0.95 5.36
N ILE A 23 35.60 1.97 4.51
CA ILE A 23 35.05 1.85 3.17
C ILE A 23 35.74 0.74 2.40
N GLU A 24 37.05 0.55 2.63
CA GLU A 24 37.74 -0.59 2.05
C GLU A 24 37.15 -1.90 2.57
N ASN A 25 36.84 -1.96 3.86
CA ASN A 25 36.23 -3.16 4.42
C ASN A 25 34.82 -3.36 3.89
N VAL A 26 34.07 -2.28 3.70
CA VAL A 26 32.73 -2.39 3.12
C VAL A 26 32.81 -2.96 1.72
N LYS A 27 33.73 -2.44 0.91
CA LYS A 27 33.94 -2.98 -0.43
C LYS A 27 34.39 -4.43 -0.37
N ALA A 28 35.12 -4.81 0.69
CA ALA A 28 35.48 -6.22 0.86
C ALA A 28 34.24 -7.06 1.15
N LYS A 29 33.29 -6.52 1.92
CA LYS A 29 32.03 -7.22 2.15
C LYS A 29 31.25 -7.37 0.85
N ILE A 30 31.24 -6.31 0.04
CA ILE A 30 30.55 -6.35 -1.26
C ILE A 30 31.20 -7.37 -2.17
N GLN A 31 32.53 -7.46 -2.14
CA GLN A 31 33.22 -8.49 -2.91
C GLN A 31 32.85 -9.89 -2.41
N ASP A 32 32.80 -10.08 -1.09
CA ASP A 32 32.49 -11.41 -0.57
C ASP A 32 31.06 -11.84 -0.90
N LYS A 33 30.10 -10.93 -0.74
CA LYS A 33 28.70 -11.29 -0.96
C LYS A 33 28.34 -11.35 -2.45
N GLU A 34 28.78 -10.36 -3.23
CA GLU A 34 28.38 -10.24 -4.62
C GLU A 34 29.51 -10.49 -5.61
N GLY A 35 30.77 -10.32 -5.20
CA GLY A 35 31.91 -10.61 -6.05
C GLY A 35 32.44 -9.46 -6.88
N ILE A 36 32.06 -8.23 -6.59
CA ILE A 36 32.56 -7.09 -7.37
C ILE A 36 33.85 -6.58 -6.73
N PRO A 37 34.93 -6.46 -7.50
CA PRO A 37 36.21 -6.02 -6.93
C PRO A 37 36.09 -4.63 -6.32
N PRO A 38 36.78 -4.40 -5.20
CA PRO A 38 36.69 -3.07 -4.55
C PRO A 38 37.21 -1.94 -5.40
N ASP A 39 38.20 -2.20 -6.27
CA ASP A 39 38.74 -1.15 -7.14
C ASP A 39 37.74 -0.66 -8.17
N GLN A 40 36.65 -1.40 -8.39
CA GLN A 40 35.59 -0.97 -9.30
C GLN A 40 34.46 -0.25 -8.58
N GLN A 41 34.44 -0.31 -7.25
CA GLN A 41 33.33 0.21 -6.46
C GLN A 41 33.57 1.67 -6.10
N ARG A 42 32.72 2.56 -6.58
CA ARG A 42 32.71 3.96 -6.18
C ARG A 42 31.47 4.16 -5.31
N LEU A 43 31.68 4.30 -4.01
CA LEU A 43 30.59 4.39 -3.05
C LEU A 43 30.19 5.84 -2.81
N ILE A 44 28.89 6.08 -2.72
CA ILE A 44 28.31 7.41 -2.63
C ILE A 44 27.46 7.50 -1.38
N PHE A 45 27.55 8.63 -0.69
CA PHE A 45 26.70 8.89 0.46
C PHE A 45 26.61 10.38 0.75
N ALA A 46 25.40 10.82 1.13
CA ALA A 46 25.15 12.20 1.55
C ALA A 46 25.64 13.21 0.51
N GLY A 47 25.48 12.86 -0.76
CA GLY A 47 25.99 13.72 -1.82
C GLY A 47 27.49 13.90 -1.75
N LYS A 48 28.21 12.81 -1.51
CA LYS A 48 29.66 12.86 -1.43
C LYS A 48 30.22 11.55 -1.95
N GLN A 49 31.38 11.62 -2.61
CA GLN A 49 32.13 10.42 -2.95
C GLN A 49 32.86 9.90 -1.73
N LEU A 50 32.71 8.62 -1.44
CA LEU A 50 33.30 8.02 -0.26
C LEU A 50 34.70 7.52 -0.59
N GLU A 51 35.66 7.88 0.25
CA GLU A 51 37.05 7.50 0.06
C GLU A 51 37.37 6.26 0.89
N ASP A 52 38.21 5.39 0.32
CA ASP A 52 38.53 4.11 0.95
C ASP A 52 39.17 4.25 2.32
N GLY A 53 39.65 5.45 2.66
CA GLY A 53 40.39 5.66 3.89
C GLY A 53 39.57 6.02 5.11
N ARG A 54 38.40 6.61 4.90
CA ARG A 54 37.60 7.10 6.02
C ARG A 54 36.60 6.04 6.47
N THR A 55 36.10 6.22 7.69
CA THR A 55 35.22 5.25 8.34
C THR A 55 33.75 5.68 8.21
N LEU A 56 32.86 4.76 8.58
CA LEU A 56 31.42 5.03 8.52
C LEU A 56 31.03 6.11 9.51
N SER A 57 31.63 6.12 10.70
CA SER A 57 31.31 7.13 11.69
C SER A 57 31.80 8.50 11.25
N ASP A 58 32.90 8.56 10.49
CA ASP A 58 33.36 9.82 9.94
C ASP A 58 32.29 10.46 9.06
N TYR A 59 31.57 9.65 8.30
CA TYR A 59 30.52 10.14 7.41
C TYR A 59 29.17 10.19 8.10
N ASN A 60 29.11 9.89 9.40
CA ASN A 60 27.85 9.85 10.16
C ASN A 60 26.86 8.88 9.50
N ILE A 61 27.36 7.69 9.20
CA ILE A 61 26.53 6.63 8.59
C ILE A 61 25.98 5.82 9.75
N GLN A 62 24.84 6.25 10.28
CA GLN A 62 24.20 5.59 11.41
C GLN A 62 23.52 4.29 10.96
N LYS A 63 22.83 3.66 11.90
CA LYS A 63 22.13 2.42 11.61
C LYS A 63 21.04 2.64 10.57
N GLU A 64 20.84 1.64 9.71
CA GLU A 64 19.83 1.63 8.67
C GLU A 64 20.08 2.68 7.58
N SER A 65 21.29 3.24 7.54
CA SER A 65 21.63 4.14 6.45
C SER A 65 21.86 3.35 5.16
N THR A 66 21.77 4.07 4.03
CA THR A 66 21.94 3.48 2.71
C THR A 66 23.05 4.20 1.93
N LEU A 67 23.96 3.43 1.39
CA LEU A 67 24.99 3.91 0.48
C LEU A 67 24.59 3.55 -0.94
N HIS A 68 25.22 4.22 -1.91
CA HIS A 68 24.99 3.90 -3.30
C HIS A 68 26.31 3.51 -3.97
N LEU A 69 26.21 2.67 -4.98
CA LEU A 69 27.36 2.06 -5.63
C LEU A 69 27.27 2.26 -7.13
N VAL A 70 28.33 2.83 -7.71
CA VAL A 70 28.41 3.02 -9.15
C VAL A 70 29.62 2.25 -9.67
N LEU A 71 29.41 1.42 -10.68
CA LEU A 71 30.50 0.64 -11.25
C LEU A 71 31.40 1.55 -12.09
N ARG A 72 32.71 1.33 -12.01
CA ARG A 72 33.68 2.18 -12.71
C ARG A 72 34.35 1.55 -13.91
N LEU A 73 34.58 0.22 -13.91
CA LEU A 73 35.27 -0.45 -15.01
C LEU A 73 36.64 0.19 -15.27
N ARG A 74 37.31 0.60 -14.20
CA ARG A 74 38.59 1.29 -14.28
C ARG A 74 39.69 0.38 -14.83
N MET B 1 36.29 -9.41 -33.48
CA MET B 1 35.88 -8.02 -33.57
C MET B 1 35.96 -7.34 -32.20
N GLN B 2 35.76 -6.04 -32.19
CA GLN B 2 35.81 -5.23 -30.98
C GLN B 2 34.41 -4.73 -30.65
N ILE B 3 34.01 -4.86 -29.38
CA ILE B 3 32.72 -4.34 -28.91
C ILE B 3 32.94 -3.51 -27.65
N PHE B 4 31.94 -2.70 -27.32
CA PHE B 4 31.99 -1.85 -26.15
C PHE B 4 31.00 -2.35 -25.10
N VAL B 5 31.36 -2.20 -23.83
CA VAL B 5 30.47 -2.46 -22.71
C VAL B 5 30.49 -1.24 -21.80
N LYS B 6 29.33 -0.60 -21.64
CA LYS B 6 29.19 0.60 -20.85
C LYS B 6 28.21 0.36 -19.71
N THR B 7 28.36 1.13 -18.63
CA THR B 7 27.39 1.12 -17.55
C THR B 7 26.40 2.26 -17.74
N LEU B 8 25.41 2.31 -16.85
CA LEU B 8 24.36 3.33 -16.94
C LEU B 8 24.92 4.73 -16.80
N THR B 9 26.13 4.87 -16.22
CA THR B 9 26.78 6.15 -16.02
C THR B 9 27.71 6.55 -17.16
N GLY B 10 28.05 5.65 -18.07
CA GLY B 10 28.91 5.95 -19.20
C GLY B 10 30.36 5.51 -19.07
N LYS B 11 30.68 4.69 -18.07
CA LYS B 11 32.01 4.11 -18.00
C LYS B 11 32.14 3.01 -19.05
N THR B 12 33.25 3.02 -19.79
CA THR B 12 33.37 2.23 -21.01
C THR B 12 34.61 1.36 -20.98
N ILE B 13 34.44 0.10 -21.36
CA ILE B 13 35.55 -0.80 -21.68
C ILE B 13 35.31 -1.37 -23.07
N THR B 14 36.35 -1.96 -23.65
CA THR B 14 36.29 -2.55 -24.98
C THR B 14 36.81 -3.97 -24.91
N LEU B 15 36.09 -4.91 -25.51
CA LEU B 15 36.48 -6.31 -25.55
C LEU B 15 36.59 -6.80 -26.99
N GLU B 16 37.63 -7.59 -27.26
CA GLU B 16 37.79 -8.26 -28.55
C GLU B 16 37.13 -9.63 -28.48
N VAL B 17 36.09 -9.83 -29.31
CA VAL B 17 35.30 -11.05 -29.32
C VAL B 17 35.03 -11.45 -30.76
N GLU B 18 34.49 -12.65 -30.94
CA GLU B 18 34.06 -13.12 -32.25
C GLU B 18 32.56 -13.38 -32.26
N PRO B 19 31.88 -13.18 -33.39
CA PRO B 19 30.43 -13.44 -33.44
C PRO B 19 30.06 -14.88 -33.12
N SER B 20 31.00 -15.81 -33.22
CA SER B 20 30.74 -17.18 -32.80
C SER B 20 30.73 -17.32 -31.28
N ASP B 21 31.35 -16.37 -30.57
CA ASP B 21 31.45 -16.45 -29.13
C ASP B 21 30.08 -16.29 -28.48
N THR B 22 29.93 -16.86 -27.28
CA THR B 22 28.68 -16.81 -26.55
C THR B 22 28.69 -15.70 -25.50
N ILE B 23 27.49 -15.30 -25.08
CA ILE B 23 27.37 -14.29 -24.04
C ILE B 23 28.05 -14.75 -22.75
N GLU B 24 28.03 -16.06 -22.48
CA GLU B 24 28.77 -16.58 -21.32
C GLU B 24 30.26 -16.31 -21.46
N ASN B 25 30.81 -16.49 -22.67
CA ASN B 25 32.23 -16.23 -22.88
C ASN B 25 32.53 -14.75 -22.80
N VAL B 26 31.62 -13.90 -23.28
CA VAL B 26 31.81 -12.46 -23.17
C VAL B 26 31.81 -12.03 -21.70
N LYS B 27 30.85 -12.53 -20.92
CA LYS B 27 30.82 -12.25 -19.50
C LYS B 27 32.07 -12.78 -18.79
N ALA B 28 32.61 -13.90 -19.28
CA ALA B 28 33.88 -14.38 -18.73
C ALA B 28 35.02 -13.43 -19.07
N LYS B 29 34.98 -12.82 -20.26
CA LYS B 29 35.97 -11.81 -20.61
C LYS B 29 35.84 -10.60 -19.71
N ILE B 30 34.59 -10.19 -19.39
CA ILE B 30 34.38 -9.08 -18.48
C ILE B 30 34.92 -9.43 -17.10
N GLN B 31 34.75 -10.68 -16.68
CA GLN B 31 35.32 -11.14 -15.41
C GLN B 31 36.84 -11.06 -15.44
N ASP B 32 37.48 -11.48 -16.53
CA ASP B 32 38.93 -11.46 -16.59
C ASP B 32 39.48 -10.04 -16.62
N LYS B 33 38.88 -9.16 -17.43
CA LYS B 33 39.40 -7.81 -17.62
C LYS B 33 39.05 -6.89 -16.45
N GLU B 34 37.81 -6.94 -15.97
CA GLU B 34 37.32 -6.00 -14.97
C GLU B 34 37.08 -6.64 -13.61
N GLY B 35 36.89 -7.96 -13.56
CA GLY B 35 36.74 -8.68 -12.31
C GLY B 35 35.32 -8.85 -11.83
N ILE B 36 34.32 -8.58 -12.66
CA ILE B 36 32.93 -8.73 -12.28
C ILE B 36 32.48 -10.14 -12.65
N PRO B 37 32.00 -10.94 -11.70
CA PRO B 37 31.57 -12.30 -12.00
C PRO B 37 30.41 -12.29 -12.98
N PRO B 38 30.35 -13.28 -13.88
CA PRO B 38 29.28 -13.30 -14.88
C PRO B 38 27.89 -13.40 -14.29
N ASP B 39 27.75 -13.99 -13.10
CA ASP B 39 26.44 -14.10 -12.46
C ASP B 39 25.89 -12.76 -12.03
N GLN B 40 26.72 -11.73 -11.99
CA GLN B 40 26.31 -10.37 -11.66
C GLN B 40 26.00 -9.53 -12.89
N GLN B 41 26.39 -10.00 -14.08
CA GLN B 41 26.34 -9.21 -15.29
C GLN B 41 25.01 -9.43 -16.00
N ARG B 42 24.23 -8.37 -16.14
CA ARG B 42 23.02 -8.38 -16.95
C ARG B 42 23.31 -7.51 -18.17
N LEU B 43 23.58 -8.14 -19.30
CA LEU B 43 24.00 -7.44 -20.51
C LEU B 43 22.79 -7.02 -21.34
N ILE B 44 22.86 -5.82 -21.89
CA ILE B 44 21.75 -5.20 -22.61
C ILE B 44 22.21 -4.84 -24.01
N PHE B 45 21.35 -5.11 -24.99
CA PHE B 45 21.59 -4.68 -26.37
C PHE B 45 20.26 -4.67 -27.10
N ALA B 46 20.08 -3.65 -27.95
CA ALA B 46 18.88 -3.51 -28.78
C ALA B 46 17.62 -3.55 -27.93
N GLY B 47 17.71 -2.99 -26.73
CA GLY B 47 16.57 -3.03 -25.82
C GLY B 47 16.15 -4.43 -25.43
N LYS B 48 17.11 -5.29 -25.10
CA LYS B 48 16.77 -6.66 -24.70
C LYS B 48 17.77 -7.14 -23.66
N GLN B 49 17.29 -7.95 -22.72
CA GLN B 49 18.17 -8.68 -21.83
C GLN B 49 18.73 -9.90 -22.56
N LEU B 50 20.05 -10.04 -22.51
CA LEU B 50 20.74 -11.08 -23.27
C LEU B 50 20.83 -12.38 -22.45
N GLU B 51 20.52 -13.49 -23.12
CA GLU B 51 20.58 -14.79 -22.48
C GLU B 51 21.94 -15.41 -22.72
N ASP B 52 22.48 -16.07 -21.69
CA ASP B 52 23.84 -16.61 -21.75
C ASP B 52 23.98 -17.73 -22.77
N GLY B 53 22.86 -18.32 -23.23
CA GLY B 53 22.92 -19.42 -24.17
C GLY B 53 23.07 -19.02 -25.62
N ARG B 54 22.66 -17.81 -25.97
CA ARG B 54 22.68 -17.37 -27.36
C ARG B 54 23.97 -16.62 -27.66
N THR B 55 24.27 -16.50 -28.95
CA THR B 55 25.51 -15.89 -29.42
C THR B 55 25.27 -14.44 -29.82
N LEU B 56 26.39 -13.74 -30.08
CA LEU B 56 26.32 -12.34 -30.47
C LEU B 56 25.62 -12.18 -31.82
N SER B 57 25.86 -13.11 -32.75
CA SER B 57 25.23 -13.02 -34.06
C SER B 57 23.72 -13.22 -34.01
N ASP B 58 23.24 -14.03 -33.06
CA ASP B 58 21.80 -14.21 -32.88
C ASP B 58 21.11 -12.88 -32.60
N TYR B 59 21.74 -12.03 -31.79
CA TYR B 59 21.16 -10.74 -31.42
C TYR B 59 21.57 -9.62 -32.36
N ASN B 60 22.27 -9.95 -33.46
CA ASN B 60 22.74 -8.98 -34.45
C ASN B 60 23.66 -7.94 -33.79
N ILE B 61 24.60 -8.44 -33.00
CA ILE B 61 25.62 -7.58 -32.36
C ILE B 61 26.81 -7.56 -33.31
N GLN B 62 26.79 -6.63 -34.26
CA GLN B 62 27.83 -6.54 -35.27
C GLN B 62 29.11 -5.97 -34.67
N LYS B 63 30.11 -5.79 -35.54
CA LYS B 63 31.39 -5.26 -35.11
C LYS B 63 31.26 -3.83 -34.58
N GLU B 64 32.02 -3.53 -33.52
CA GLU B 64 32.07 -2.21 -32.88
C GLU B 64 30.73 -1.83 -32.25
N SER B 65 29.83 -2.78 -32.07
CA SER B 65 28.57 -2.47 -31.41
C SER B 65 28.82 -2.17 -29.94
N THR B 66 27.85 -1.51 -29.32
CA THR B 66 27.94 -1.12 -27.91
C THR B 66 26.83 -1.77 -27.12
N LEU B 67 27.21 -2.46 -26.06
CA LEU B 67 26.30 -3.04 -25.10
C LEU B 67 26.31 -2.20 -23.83
N HIS B 68 25.27 -2.39 -23.01
CA HIS B 68 25.23 -1.78 -21.71
C HIS B 68 25.16 -2.87 -20.66
N LEU B 69 25.70 -2.57 -19.48
CA LEU B 69 25.89 -3.56 -18.43
C LEU B 69 25.27 -3.02 -17.15
N VAL B 70 24.33 -3.79 -16.58
CA VAL B 70 23.68 -3.45 -15.33
C VAL B 70 23.97 -4.55 -14.31
N LEU B 71 24.38 -4.14 -13.12
CA LEU B 71 24.73 -5.08 -12.07
C LEU B 71 23.48 -5.75 -11.49
N ARG B 72 23.62 -7.04 -11.14
CA ARG B 72 22.53 -7.84 -10.62
C ARG B 72 22.60 -8.08 -9.12
N LEU B 73 23.80 -8.12 -8.54
CA LEU B 73 24.04 -8.30 -7.11
C LEU B 73 23.31 -9.52 -6.54
N ARG B 74 23.49 -10.65 -7.22
CA ARG B 74 22.88 -11.92 -6.80
C ARG B 74 23.28 -12.29 -5.37
N MET C 1 -21.42 -1.63 -5.46
CA MET C 1 -19.99 -1.44 -5.25
C MET C 1 -19.73 -0.74 -3.93
N GLN C 2 -18.46 -0.69 -3.52
CA GLN C 2 -18.06 -0.03 -2.29
C GLN C 2 -17.25 1.22 -2.63
N ILE C 3 -17.59 2.33 -2.00
CA ILE C 3 -16.85 3.59 -2.16
C ILE C 3 -16.50 4.10 -0.77
N PHE C 4 -15.55 5.02 -0.73
CA PHE C 4 -15.08 5.59 0.51
C PHE C 4 -15.53 7.04 0.62
N VAL C 5 -15.82 7.47 1.85
CA VAL C 5 -16.10 8.86 2.16
C VAL C 5 -15.21 9.26 3.32
N LYS C 6 -14.36 10.25 3.11
CA LYS C 6 -13.42 10.69 4.13
C LYS C 6 -13.71 12.14 4.52
N THR C 7 -13.33 12.50 5.73
CA THR C 7 -13.41 13.87 6.19
C THR C 7 -12.05 14.55 6.03
N LEU C 8 -12.01 15.85 6.34
CA LEU C 8 -10.80 16.63 6.17
C LEU C 8 -9.66 16.13 7.05
N THR C 9 -9.97 15.41 8.12
CA THR C 9 -8.95 14.88 9.03
C THR C 9 -8.44 13.50 8.65
N GLY C 10 -9.13 12.82 7.73
CA GLY C 10 -8.73 11.50 7.29
C GLY C 10 -9.51 10.36 7.90
N LYS C 11 -10.58 10.64 8.63
CA LYS C 11 -11.49 9.59 9.05
C LYS C 11 -12.35 9.16 7.87
N THR C 12 -12.46 7.85 7.67
CA THR C 12 -13.04 7.30 6.45
C THR C 12 -14.12 6.29 6.81
N ILE C 13 -15.23 6.34 6.07
CA ILE C 13 -16.27 5.32 6.12
C ILE C 13 -16.45 4.74 4.72
N THR C 14 -17.14 3.61 4.66
CA THR C 14 -17.37 2.88 3.41
C THR C 14 -18.86 2.66 3.23
N LEU C 15 -19.36 2.95 2.05
CA LEU C 15 -20.77 2.77 1.72
C LEU C 15 -20.91 1.85 0.51
N GLU C 16 -21.87 0.94 0.58
CA GLU C 16 -22.24 0.12 -0.56
C GLU C 16 -23.33 0.84 -1.34
N VAL C 17 -23.01 1.22 -2.58
CA VAL C 17 -23.89 2.01 -3.41
C VAL C 17 -23.88 1.44 -4.82
N GLU C 18 -24.80 1.95 -5.64
CA GLU C 18 -24.86 1.64 -7.05
C GLU C 18 -24.67 2.90 -7.87
N PRO C 19 -24.06 2.81 -9.05
CA PRO C 19 -23.84 4.02 -9.88
C PRO C 19 -25.13 4.75 -10.25
N SER C 20 -26.29 4.10 -10.15
CA SER C 20 -27.55 4.79 -10.39
C SER C 20 -27.97 5.68 -9.22
N ASP C 21 -27.42 5.44 -8.03
CA ASP C 21 -27.83 6.19 -6.85
C ASP C 21 -27.44 7.66 -6.97
N THR C 22 -28.21 8.51 -6.29
CA THR C 22 -28.00 9.94 -6.31
C THR C 22 -27.24 10.41 -5.08
N ILE C 23 -26.66 11.60 -5.18
CA ILE C 23 -25.97 12.20 -4.04
C ILE C 23 -26.90 12.36 -2.85
N GLU C 24 -28.19 12.62 -3.10
CA GLU C 24 -29.15 12.66 -2.02
C GLU C 24 -29.24 11.30 -1.33
N ASN C 25 -29.26 10.21 -2.11
CA ASN C 25 -29.30 8.88 -1.54
C ASN C 25 -27.99 8.54 -0.83
N VAL C 26 -26.86 8.99 -1.36
CA VAL C 26 -25.58 8.78 -0.70
C VAL C 26 -25.55 9.49 0.65
N LYS C 27 -26.00 10.74 0.68
CA LYS C 27 -26.09 11.47 1.93
C LYS C 27 -27.05 10.80 2.89
N ALA C 28 -28.11 10.16 2.37
CA ALA C 28 -29.00 9.39 3.23
C ALA C 28 -28.30 8.14 3.79
N LYS C 29 -27.43 7.53 2.99
CA LYS C 29 -26.64 6.41 3.50
C LYS C 29 -25.71 6.87 4.61
N ILE C 30 -25.10 8.05 4.43
CA ILE C 30 -24.27 8.65 5.48
C ILE C 30 -25.13 8.92 6.72
N GLN C 31 -26.40 9.28 6.51
CA GLN C 31 -27.35 9.36 7.62
C GLN C 31 -27.46 8.03 8.34
N ASP C 32 -27.57 6.94 7.57
CA ASP C 32 -27.76 5.63 8.17
C ASP C 32 -26.54 5.21 8.97
N LYS C 33 -25.34 5.46 8.44
CA LYS C 33 -24.13 5.02 9.11
C LYS C 33 -23.80 5.90 10.31
N GLU C 34 -23.85 7.22 10.15
CA GLU C 34 -23.39 8.13 11.18
C GLU C 34 -24.46 9.02 11.81
N GLY C 35 -25.56 9.34 11.12
CA GLY C 35 -26.62 10.13 11.73
C GLY C 35 -26.52 11.63 11.54
N ILE C 36 -25.75 12.10 10.56
CA ILE C 36 -25.54 13.53 10.30
C ILE C 36 -26.58 14.05 9.32
N PRO C 37 -27.24 15.17 9.63
CA PRO C 37 -28.30 15.72 8.74
C PRO C 37 -27.76 15.99 7.34
N PRO C 38 -28.55 15.71 6.30
CA PRO C 38 -28.03 15.88 4.93
C PRO C 38 -27.76 17.33 4.55
N ASP C 39 -28.50 18.29 5.11
CA ASP C 39 -28.29 19.68 4.80
C ASP C 39 -26.96 20.18 5.32
N GLN C 40 -26.33 19.40 6.20
CA GLN C 40 -25.00 19.70 6.68
C GLN C 40 -23.93 18.99 5.88
N GLN C 41 -24.31 18.00 5.06
CA GLN C 41 -23.35 17.16 4.35
C GLN C 41 -23.04 17.80 3.01
N ARG C 42 -21.80 18.25 2.84
CA ARG C 42 -21.32 18.76 1.56
C ARG C 42 -20.31 17.75 1.03
N LEU C 43 -20.74 16.97 0.03
CA LEU C 43 -19.91 15.90 -0.52
C LEU C 43 -19.03 16.47 -1.64
N ILE C 44 -17.77 16.01 -1.66
CA ILE C 44 -16.76 16.53 -2.56
C ILE C 44 -16.16 15.37 -3.36
N PHE C 45 -15.93 15.62 -4.65
CA PHE C 45 -15.25 14.66 -5.50
C PHE C 45 -14.69 15.38 -6.71
N ALA C 46 -13.49 14.96 -7.15
CA ALA C 46 -12.84 15.50 -8.35
C ALA C 46 -12.73 17.02 -8.27
N GLY C 47 -12.48 17.53 -7.07
CA GLY C 47 -12.39 18.96 -6.86
C GLY C 47 -13.67 19.69 -7.19
N LYS C 48 -14.81 19.14 -6.79
CA LYS C 48 -16.09 19.76 -7.08
C LYS C 48 -17.05 19.46 -5.92
N GLN C 49 -17.94 20.42 -5.66
CA GLN C 49 -19.06 20.17 -4.76
C GLN C 49 -20.12 19.37 -5.50
N LEU C 50 -20.57 18.29 -4.87
CA LEU C 50 -21.52 17.36 -5.49
C LEU C 50 -22.94 17.84 -5.25
N GLU C 51 -23.75 17.84 -6.30
CA GLU C 51 -25.13 18.27 -6.22
C GLU C 51 -26.04 17.07 -5.97
N ASP C 52 -27.03 17.26 -5.09
CA ASP C 52 -27.86 16.16 -4.65
C ASP C 52 -28.72 15.57 -5.77
N GLY C 53 -28.95 16.32 -6.86
CA GLY C 53 -29.84 15.83 -7.90
C GLY C 53 -29.19 14.86 -8.86
N ARG C 54 -27.87 14.94 -9.03
CA ARG C 54 -27.14 14.12 -9.98
C ARG C 54 -26.59 12.87 -9.30
N THR C 55 -26.25 11.88 -10.11
CA THR C 55 -25.85 10.57 -9.63
C THR C 55 -24.34 10.42 -9.60
N LEU C 56 -23.89 9.33 -8.98
CA LEU C 56 -22.47 9.03 -8.91
C LEU C 56 -21.89 8.75 -10.29
N SER C 57 -22.67 8.09 -11.14
CA SER C 57 -22.22 7.82 -12.51
C SER C 57 -22.12 9.10 -13.32
N ASP C 58 -22.97 10.08 -13.03
CA ASP C 58 -22.85 11.38 -13.68
C ASP C 58 -21.47 11.98 -13.44
N TYR C 59 -20.94 11.80 -12.24
CA TYR C 59 -19.62 12.30 -11.87
C TYR C 59 -18.51 11.30 -12.17
N ASN C 60 -18.85 10.17 -12.81
CA ASN C 60 -17.90 9.10 -13.11
C ASN C 60 -17.24 8.59 -11.83
N ILE C 61 -18.06 8.33 -10.82
CA ILE C 61 -17.60 7.79 -9.55
C ILE C 61 -17.69 6.28 -9.66
N GLN C 62 -16.62 5.68 -10.18
CA GLN C 62 -16.57 4.24 -10.37
C GLN C 62 -16.36 3.55 -9.04
N LYS C 63 -16.20 2.22 -9.09
CA LYS C 63 -16.00 1.44 -7.88
C LYS C 63 -14.71 1.86 -7.17
N GLU C 64 -14.76 1.85 -5.84
CA GLU C 64 -13.63 2.16 -4.96
C GLU C 64 -13.20 3.62 -5.01
N SER C 65 -14.05 4.51 -5.52
CA SER C 65 -13.74 5.93 -5.47
C SER C 65 -13.88 6.46 -4.05
N THR C 66 -13.27 7.63 -3.81
CA THR C 66 -13.29 8.27 -2.49
C THR C 66 -13.89 9.68 -2.60
N LEU C 67 -14.88 9.96 -1.76
CA LEU C 67 -15.48 11.28 -1.62
C LEU C 67 -15.01 11.94 -0.33
N HIS C 68 -15.20 13.26 -0.25
CA HIS C 68 -14.92 14.02 0.95
C HIS C 68 -16.15 14.76 1.44
N LEU C 69 -16.20 15.01 2.75
CA LEU C 69 -17.38 15.54 3.42
C LEU C 69 -17.01 16.77 4.25
N VAL C 70 -17.70 17.88 4.00
CA VAL C 70 -17.50 19.13 4.73
C VAL C 70 -18.80 19.54 5.40
N LEU C 71 -18.73 19.86 6.69
CA LEU C 71 -19.90 20.27 7.45
C LEU C 71 -20.30 21.71 7.11
N ARG C 72 -21.61 21.97 7.07
CA ARG C 72 -22.11 23.29 6.69
C ARG C 72 -22.66 24.10 7.85
N LEU C 73 -23.27 23.47 8.85
CA LEU C 73 -23.90 24.17 9.99
C LEU C 73 -24.92 25.20 9.52
N ARG C 74 -25.87 24.75 8.72
CA ARG C 74 -26.97 25.61 8.32
C ARG C 74 -27.84 25.97 9.52
N GLY C 75 -28.02 27.26 9.74
CA GLY C 75 -28.80 27.74 10.88
C GLY C 75 -27.92 28.18 12.02
N MET D 1 -24.38 32.38 29.55
CA MET D 1 -23.52 33.14 28.65
C MET D 1 -23.57 32.57 27.24
N GLN D 2 -22.97 33.28 26.29
CA GLN D 2 -22.95 32.89 24.89
C GLN D 2 -21.55 32.45 24.49
N ILE D 3 -21.45 31.33 23.77
CA ILE D 3 -20.19 30.81 23.29
C ILE D 3 -20.31 30.55 21.78
N PHE D 4 -19.15 30.39 21.14
CA PHE D 4 -19.06 30.15 19.71
C PHE D 4 -18.61 28.72 19.45
N VAL D 5 -19.13 28.14 18.37
CA VAL D 5 -18.67 26.85 17.89
C VAL D 5 -18.33 26.99 16.41
N LYS D 6 -17.07 26.77 16.06
CA LYS D 6 -16.60 26.91 14.70
C LYS D 6 -16.07 25.56 14.22
N THR D 7 -16.14 25.34 12.92
CA THR D 7 -15.56 24.15 12.31
C THR D 7 -14.20 24.47 11.72
N LEU D 8 -13.54 23.42 11.23
CA LEU D 8 -12.21 23.56 10.67
C LEU D 8 -12.20 24.45 9.45
N THR D 9 -13.36 24.63 8.80
CA THR D 9 -13.49 25.49 7.63
C THR D 9 -13.89 26.91 7.99
N GLY D 10 -14.33 27.15 9.23
CA GLY D 10 -14.72 28.48 9.66
C GLY D 10 -16.21 28.74 9.71
N LYS D 11 -17.05 27.72 9.55
CA LYS D 11 -18.49 27.88 9.75
C LYS D 11 -18.79 27.96 11.24
N THR D 12 -19.62 28.92 11.63
CA THR D 12 -19.81 29.27 13.04
C THR D 12 -21.28 29.25 13.41
N ILE D 13 -21.58 28.65 14.55
CA ILE D 13 -22.88 28.78 15.21
C ILE D 13 -22.62 29.25 16.64
N THR D 14 -23.68 29.73 17.29
CA THR D 14 -23.57 30.27 18.65
C THR D 14 -24.60 29.57 19.55
N LEU D 15 -24.15 29.14 20.72
CA LEU D 15 -25.01 28.49 21.70
C LEU D 15 -24.97 29.25 23.02
N GLU D 16 -26.13 29.38 23.65
CA GLU D 16 -26.23 29.95 25.00
C GLU D 16 -26.10 28.83 26.03
N VAL D 17 -25.06 28.92 26.86
CA VAL D 17 -24.74 27.88 27.84
C VAL D 17 -24.40 28.54 29.17
N GLU D 18 -24.26 27.70 30.20
CA GLU D 18 -23.80 28.11 31.51
C GLU D 18 -22.49 27.40 31.84
N PRO D 19 -21.60 28.04 32.61
CA PRO D 19 -20.32 27.40 32.94
C PRO D 19 -20.47 26.08 33.68
N SER D 20 -21.63 25.81 34.26
CA SER D 20 -21.88 24.52 34.91
C SER D 20 -22.12 23.40 33.92
N ASP D 21 -22.48 23.71 32.68
CA ASP D 21 -22.82 22.67 31.71
C ASP D 21 -21.59 21.83 31.38
N THR D 22 -21.83 20.56 31.05
CA THR D 22 -20.77 19.63 30.73
C THR D 22 -20.63 19.49 29.22
N ILE D 23 -19.46 19.01 28.79
CA ILE D 23 -19.22 18.78 27.37
C ILE D 23 -20.23 17.78 26.81
N GLU D 24 -20.67 16.81 27.61
CA GLU D 24 -21.75 15.93 27.16
C GLU D 24 -23.04 16.72 26.94
N ASN D 25 -23.35 17.65 27.84
CA ASN D 25 -24.55 18.47 27.68
C ASN D 25 -24.38 19.44 26.52
N VAL D 26 -23.17 19.97 26.32
CA VAL D 26 -22.91 20.85 25.19
C VAL D 26 -23.11 20.09 23.88
N LYS D 27 -22.55 18.88 23.78
CA LYS D 27 -22.75 18.06 22.60
C LYS D 27 -24.21 17.71 22.41
N ALA D 28 -24.96 17.59 23.51
CA ALA D 28 -26.41 17.38 23.40
C ALA D 28 -27.10 18.62 22.83
N LYS D 29 -26.63 19.80 23.22
CA LYS D 29 -27.16 21.04 22.65
C LYS D 29 -26.83 21.15 21.17
N ILE D 30 -25.61 20.79 20.78
CA ILE D 30 -25.24 20.80 19.36
C ILE D 30 -26.08 19.79 18.59
N GLN D 31 -26.37 18.65 19.21
CA GLN D 31 -27.27 17.67 18.62
C GLN D 31 -28.68 18.26 18.43
N ASP D 32 -29.17 18.97 19.44
CA ASP D 32 -30.52 19.53 19.34
C ASP D 32 -30.60 20.62 18.28
N LYS D 33 -29.60 21.50 18.21
CA LYS D 33 -29.64 22.62 17.29
C LYS D 33 -29.32 22.21 15.86
N GLU D 34 -28.30 21.38 15.67
CA GLU D 34 -27.81 21.04 14.33
C GLU D 34 -28.08 19.60 13.92
N GLY D 35 -28.29 18.69 14.87
CA GLY D 35 -28.62 17.32 14.53
C GLY D 35 -27.46 16.36 14.39
N ILE D 36 -26.27 16.72 14.86
CA ILE D 36 -25.11 15.83 14.81
C ILE D 36 -25.05 15.05 16.12
N PRO D 37 -25.03 13.72 16.08
CA PRO D 37 -24.98 12.93 17.32
C PRO D 37 -23.71 13.24 18.10
N PRO D 38 -23.78 13.25 19.44
CA PRO D 38 -22.60 13.59 20.25
C PRO D 38 -21.44 12.63 20.06
N ASP D 39 -21.69 11.37 19.72
CA ASP D 39 -20.61 10.41 19.52
C ASP D 39 -19.75 10.74 18.30
N GLN D 40 -20.22 11.64 17.43
CA GLN D 40 -19.44 12.11 16.29
C GLN D 40 -18.68 13.39 16.59
N GLN D 41 -19.00 14.07 17.68
CA GLN D 41 -18.46 15.39 17.98
C GLN D 41 -17.21 15.23 18.82
N ARG D 42 -16.06 15.64 18.27
CA ARG D 42 -14.81 15.74 19.03
C ARG D 42 -14.57 17.23 19.24
N LEU D 43 -14.93 17.72 20.41
CA LEU D 43 -14.88 19.15 20.70
C LEU D 43 -13.49 19.54 21.22
N ILE D 44 -13.01 20.69 20.77
CA ILE D 44 -11.65 21.15 21.06
C ILE D 44 -11.72 22.54 21.68
N PHE D 45 -10.90 22.77 22.70
CA PHE D 45 -10.75 24.08 23.32
C PHE D 45 -9.43 24.14 24.07
N ALA D 46 -8.80 25.31 24.03
CA ALA D 46 -7.55 25.55 24.77
C ALA D 46 -6.49 24.52 24.42
N GLY D 47 -6.47 24.11 23.16
CA GLY D 47 -5.54 23.07 22.72
C GLY D 47 -5.74 21.76 23.44
N LYS D 48 -6.99 21.33 23.61
CA LYS D 48 -7.29 20.08 24.28
C LYS D 48 -8.54 19.46 23.68
N GLN D 49 -8.57 18.13 23.65
CA GLN D 49 -9.80 17.41 23.38
C GLN D 49 -10.68 17.42 24.63
N LEU D 50 -11.95 17.80 24.44
CA LEU D 50 -12.85 17.98 25.57
C LEU D 50 -13.53 16.66 25.95
N GLU D 51 -13.53 16.36 27.24
CA GLU D 51 -14.14 15.14 27.75
C GLU D 51 -15.56 15.43 28.20
N ASP D 52 -16.48 14.51 27.85
CA ASP D 52 -17.91 14.73 28.08
C ASP D 52 -18.25 14.91 29.56
N GLY D 53 -17.38 14.48 30.47
CA GLY D 53 -17.73 14.50 31.88
C GLY D 53 -17.49 15.83 32.58
N ARG D 54 -16.57 16.63 32.06
CA ARG D 54 -16.18 17.88 32.71
C ARG D 54 -17.00 19.05 32.17
N THR D 55 -16.99 20.14 32.92
CA THR D 55 -17.81 21.31 32.61
C THR D 55 -17.00 22.37 31.87
N LEU D 56 -17.72 23.36 31.36
CA LEU D 56 -17.08 24.46 30.63
C LEU D 56 -16.17 25.27 31.54
N SER D 57 -16.59 25.48 32.80
CA SER D 57 -15.76 26.22 33.74
C SER D 57 -14.52 25.43 34.13
N ASP D 58 -14.60 24.10 34.11
CA ASP D 58 -13.42 23.27 34.36
C ASP D 58 -12.31 23.58 33.38
N TYR D 59 -12.66 23.81 32.11
CA TYR D 59 -11.70 24.12 31.07
C TYR D 59 -11.45 25.62 30.92
N ASN D 60 -11.99 26.43 31.83
CA ASN D 60 -11.87 27.89 31.79
C ASN D 60 -12.43 28.44 30.48
N ILE D 61 -13.63 27.98 30.13
CA ILE D 61 -14.32 28.47 28.92
C ILE D 61 -15.18 29.65 29.37
N GLN D 62 -14.58 30.83 29.39
CA GLN D 62 -15.26 32.02 29.85
C GLN D 62 -16.27 32.51 28.81
N LYS D 63 -16.89 33.64 29.10
CA LYS D 63 -17.88 34.21 28.19
C LYS D 63 -17.21 34.60 26.87
N GLU D 64 -17.95 34.38 25.77
CA GLU D 64 -17.52 34.71 24.42
C GLU D 64 -16.33 33.90 23.95
N SER D 65 -16.03 32.78 24.63
CA SER D 65 -14.99 31.87 24.19
C SER D 65 -15.43 31.15 22.93
N THR D 66 -14.46 30.58 22.22
CA THR D 66 -14.71 29.87 20.98
C THR D 66 -14.22 28.43 21.08
N LEU D 67 -15.10 27.49 20.76
CA LEU D 67 -14.76 26.09 20.65
C LEU D 67 -14.68 25.70 19.18
N HIS D 68 -14.01 24.57 18.93
CA HIS D 68 -13.94 23.99 17.60
C HIS D 68 -14.46 22.55 17.63
N LEU D 69 -14.96 22.10 16.48
CA LEU D 69 -15.64 20.82 16.37
C LEU D 69 -15.00 20.02 15.24
N VAL D 70 -14.56 18.80 15.56
CA VAL D 70 -13.96 17.89 14.59
C VAL D 70 -14.78 16.62 14.54
N LEU D 71 -15.16 16.21 13.34
CA LEU D 71 -15.96 15.00 13.18
C LEU D 71 -15.09 13.75 13.37
N ARG D 72 -15.67 12.73 14.00
CA ARG D 72 -14.95 11.51 14.31
C ARG D 72 -15.32 10.30 13.46
N LEU D 73 -16.58 10.20 13.02
CA LEU D 73 -17.08 9.04 12.28
C LEU D 73 -16.83 7.74 13.05
N ARG D 74 -17.60 7.61 14.13
CA ARG D 74 -17.55 6.42 14.97
C ARG D 74 -18.15 5.21 14.24
N MET E 1 15.16 -19.38 9.54
CA MET E 1 14.20 -19.95 10.47
C MET E 1 13.34 -21.01 9.80
N GLN E 2 12.57 -21.74 10.60
CA GLN E 2 11.68 -22.78 10.09
C GLN E 2 10.24 -22.34 10.28
N ILE E 3 9.43 -22.47 9.24
CA ILE E 3 8.02 -22.13 9.30
C ILE E 3 7.21 -23.32 8.79
N PHE E 4 5.94 -23.33 9.16
CA PHE E 4 5.02 -24.39 8.78
C PHE E 4 3.99 -23.87 7.79
N VAL E 5 3.59 -24.74 6.87
CA VAL E 5 2.46 -24.48 5.97
C VAL E 5 1.51 -25.66 6.11
N LYS E 6 0.31 -25.39 6.59
CA LYS E 6 -0.68 -26.42 6.82
C LYS E 6 -1.90 -26.15 5.95
N THR E 7 -2.62 -27.22 5.64
CA THR E 7 -3.90 -27.11 4.98
C THR E 7 -5.02 -27.14 6.01
N LEU E 8 -6.24 -26.90 5.53
CA LEU E 8 -7.39 -26.88 6.43
C LEU E 8 -7.61 -28.24 7.08
N THR E 9 -7.06 -29.31 6.49
CA THR E 9 -7.18 -30.65 7.02
C THR E 9 -6.07 -31.02 7.99
N GLY E 10 -5.01 -30.22 8.06
CA GLY E 10 -3.91 -30.47 8.98
C GLY E 10 -2.68 -31.12 8.39
N LYS E 11 -2.58 -31.23 7.06
CA LYS E 11 -1.35 -31.70 6.44
C LYS E 11 -0.32 -30.58 6.49
N THR E 12 0.91 -30.92 6.88
CA THR E 12 1.91 -29.92 7.23
C THR E 12 3.22 -30.17 6.50
N ILE E 13 3.83 -29.11 5.99
CA ILE E 13 5.19 -29.11 5.51
C ILE E 13 5.97 -28.01 6.24
N THR E 14 7.30 -28.08 6.15
CA THR E 14 8.16 -27.13 6.82
C THR E 14 9.15 -26.54 5.81
N LEU E 15 9.29 -25.22 5.83
CA LEU E 15 10.20 -24.52 4.94
C LEU E 15 11.21 -23.70 5.74
N GLU E 16 12.47 -23.72 5.30
CA GLU E 16 13.50 -22.87 5.87
C GLU E 16 13.54 -21.57 5.09
N VAL E 17 13.22 -20.46 5.78
CA VAL E 17 13.14 -19.14 5.15
C VAL E 17 13.81 -18.12 6.07
N GLU E 18 13.96 -16.91 5.54
CA GLU E 18 14.45 -15.76 6.29
C GLU E 18 13.38 -14.67 6.31
N PRO E 19 13.30 -13.89 7.39
CA PRO E 19 12.27 -12.83 7.44
C PRO E 19 12.39 -11.80 6.32
N SER E 20 13.53 -11.73 5.64
CA SER E 20 13.64 -10.84 4.48
C SER E 20 12.92 -11.37 3.25
N ASP E 21 12.66 -12.68 3.21
CA ASP E 21 12.05 -13.29 2.04
C ASP E 21 10.62 -12.80 1.84
N THR E 22 10.16 -12.85 0.59
CA THR E 22 8.83 -12.39 0.21
C THR E 22 7.86 -13.55 0.11
N ILE E 23 6.55 -13.21 0.17
CA ILE E 23 5.50 -14.21 0.04
C ILE E 23 5.56 -14.92 -1.31
N GLU E 24 5.96 -14.20 -2.36
CA GLU E 24 6.13 -14.84 -3.67
C GLU E 24 7.20 -15.93 -3.61
N ASN E 25 8.29 -15.68 -2.89
CA ASN E 25 9.32 -16.70 -2.75
C ASN E 25 8.83 -17.88 -1.94
N VAL E 26 7.98 -17.62 -0.94
CA VAL E 26 7.40 -18.72 -0.16
C VAL E 26 6.53 -19.60 -1.04
N LYS E 27 5.65 -18.98 -1.84
CA LYS E 27 4.82 -19.75 -2.75
C LYS E 27 5.67 -20.49 -3.78
N ALA E 28 6.81 -19.91 -4.16
CA ALA E 28 7.73 -20.62 -5.05
C ALA E 28 8.35 -21.83 -4.37
N LYS E 29 8.65 -21.71 -3.07
CA LYS E 29 9.17 -22.87 -2.33
C LYS E 29 8.14 -23.98 -2.23
N ILE E 30 6.88 -23.64 -1.93
CA ILE E 30 5.84 -24.66 -1.89
C ILE E 30 5.64 -25.27 -3.27
N GLN E 31 5.78 -24.47 -4.32
CA GLN E 31 5.72 -25.00 -5.68
C GLN E 31 6.86 -25.99 -5.93
N ASP E 32 8.07 -25.65 -5.49
CA ASP E 32 9.21 -26.53 -5.73
C ASP E 32 9.08 -27.84 -4.97
N LYS E 33 8.65 -27.78 -3.72
CA LYS E 33 8.58 -28.99 -2.91
C LYS E 33 7.39 -29.86 -3.26
N GLU E 34 6.22 -29.25 -3.45
CA GLU E 34 4.97 -30.00 -3.62
C GLU E 34 4.38 -29.91 -5.02
N GLY E 35 4.71 -28.89 -5.81
CA GLY E 35 4.22 -28.80 -7.17
C GLY E 35 2.95 -28.02 -7.37
N ILE E 36 2.52 -27.22 -6.40
CA ILE E 36 1.31 -26.42 -6.55
C ILE E 36 1.70 -25.04 -7.10
N PRO E 37 1.09 -24.60 -8.20
CA PRO E 37 1.45 -23.30 -8.78
C PRO E 37 1.21 -22.18 -7.80
N PRO E 38 2.08 -21.17 -7.79
CA PRO E 38 1.90 -20.06 -6.83
C PRO E 38 0.62 -19.27 -7.06
N ASP E 39 0.13 -19.21 -8.31
CA ASP E 39 -1.09 -18.49 -8.62
C ASP E 39 -2.33 -19.15 -8.03
N GLN E 40 -2.22 -20.40 -7.58
CA GLN E 40 -3.31 -21.09 -6.91
C GLN E 40 -3.24 -20.96 -5.39
N GLN E 41 -2.11 -20.49 -4.86
CA GLN E 41 -1.86 -20.49 -3.43
C GLN E 41 -2.37 -19.18 -2.83
N ARG E 42 -3.38 -19.28 -1.97
CA ARG E 42 -3.88 -18.16 -1.18
C ARG E 42 -3.44 -18.41 0.25
N LEU E 43 -2.32 -17.79 0.63
CA LEU E 43 -1.72 -18.00 1.94
C LEU E 43 -2.30 -17.04 2.96
N ILE E 44 -2.58 -17.56 4.16
CA ILE E 44 -3.24 -16.81 5.21
C ILE E 44 -2.40 -16.84 6.48
N PHE E 45 -2.28 -15.69 7.14
CA PHE E 45 -1.63 -15.60 8.44
C PHE E 45 -2.08 -14.31 9.14
N ALA E 46 -2.21 -14.40 10.46
CA ALA E 46 -2.52 -13.25 11.31
C ALA E 46 -3.80 -12.56 10.86
N GLY E 47 -4.78 -13.34 10.42
CA GLY E 47 -6.03 -12.77 9.95
C GLY E 47 -5.85 -11.85 8.76
N LYS E 48 -5.05 -12.28 7.78
CA LYS E 48 -4.85 -11.47 6.58
C LYS E 48 -4.60 -12.39 5.39
N GLN E 49 -5.07 -11.96 4.22
CA GLN E 49 -4.61 -12.55 2.97
C GLN E 49 -3.23 -11.98 2.67
N LEU E 50 -2.27 -12.84 2.39
CA LEU E 50 -0.89 -12.40 2.25
C LEU E 50 -0.61 -11.96 0.82
N GLU E 51 -0.01 -10.78 0.69
CA GLU E 51 0.33 -10.19 -0.59
C GLU E 51 1.78 -10.51 -0.94
N ASP E 52 2.02 -10.81 -2.21
CA ASP E 52 3.35 -11.24 -2.64
C ASP E 52 4.39 -10.14 -2.55
N GLY E 53 3.97 -8.87 -2.40
CA GLY E 53 4.92 -7.78 -2.40
C GLY E 53 5.62 -7.55 -1.08
N ARG E 54 4.99 -7.94 0.03
CA ARG E 54 5.52 -7.68 1.34
C ARG E 54 6.36 -8.86 1.83
N THR E 55 7.18 -8.60 2.85
CA THR E 55 8.10 -9.58 3.40
C THR E 55 7.51 -10.23 4.64
N LEU E 56 8.18 -11.28 5.11
CA LEU E 56 7.71 -11.98 6.30
C LEU E 56 7.76 -11.09 7.53
N SER E 57 8.79 -10.25 7.63
CA SER E 57 8.87 -9.33 8.76
C SER E 57 7.78 -8.27 8.70
N ASP E 58 7.35 -7.89 7.50
CA ASP E 58 6.24 -6.95 7.36
C ASP E 58 4.97 -7.50 8.02
N TYR E 59 4.73 -8.79 7.88
CA TYR E 59 3.56 -9.43 8.47
C TYR E 59 3.83 -9.98 9.87
N ASN E 60 5.04 -9.73 10.40
CA ASN E 60 5.46 -10.22 11.71
C ASN E 60 5.35 -11.75 11.78
N ILE E 61 5.87 -12.42 10.76
CA ILE E 61 5.90 -13.88 10.72
C ILE E 61 7.26 -14.29 11.28
N GLN E 62 7.32 -14.43 12.61
CA GLN E 62 8.56 -14.76 13.30
C GLN E 62 8.89 -16.23 13.12
N LYS E 63 9.97 -16.66 13.78
CA LYS E 63 10.41 -18.05 13.71
C LYS E 63 9.36 -18.98 14.29
N GLU E 64 9.22 -20.16 13.68
CA GLU E 64 8.28 -21.20 14.10
C GLU E 64 6.83 -20.79 13.95
N SER E 65 6.56 -19.75 13.17
CA SER E 65 5.19 -19.38 12.88
C SER E 65 4.54 -20.42 11.97
N THR E 66 3.22 -20.43 11.94
CA THR E 66 2.47 -21.37 11.12
C THR E 66 1.58 -20.58 10.17
N LEU E 67 1.70 -20.89 8.88
CA LEU E 67 0.81 -20.33 7.87
C LEU E 67 -0.19 -21.39 7.44
N HIS E 68 -1.27 -20.92 6.83
CA HIS E 68 -2.27 -21.81 6.27
C HIS E 68 -2.44 -21.54 4.79
N LEU E 69 -2.86 -22.57 4.06
CA LEU E 69 -2.93 -22.54 2.60
C LEU E 69 -4.32 -22.91 2.16
N VAL E 70 -4.94 -22.04 1.36
CA VAL E 70 -6.27 -22.24 0.81
C VAL E 70 -6.15 -22.27 -0.71
N LEU E 71 -6.74 -23.29 -1.33
CA LEU E 71 -6.69 -23.39 -2.78
C LEU E 71 -7.57 -22.31 -3.39
N ARG E 72 -7.10 -21.72 -4.49
CA ARG E 72 -7.79 -20.62 -5.14
C ARG E 72 -8.48 -21.03 -6.42
N LEU E 73 -7.93 -22.01 -7.14
CA LEU E 73 -8.49 -22.49 -8.40
C LEU E 73 -8.69 -21.35 -9.41
N MET F 1 -19.23 -35.29 -20.62
CA MET F 1 -20.10 -34.48 -19.77
C MET F 1 -19.27 -33.52 -18.92
N GLN F 2 -19.95 -32.59 -18.24
CA GLN F 2 -19.31 -31.62 -17.39
C GLN F 2 -19.63 -31.90 -15.93
N ILE F 3 -18.59 -31.91 -15.09
CA ILE F 3 -18.75 -32.10 -13.65
C ILE F 3 -17.98 -30.98 -12.94
N PHE F 4 -18.28 -30.81 -11.66
CA PHE F 4 -17.65 -29.78 -10.85
C PHE F 4 -16.71 -30.39 -9.83
N VAL F 5 -15.62 -29.68 -9.56
CA VAL F 5 -14.69 -30.01 -8.49
C VAL F 5 -14.52 -28.76 -7.64
N LYS F 6 -14.87 -28.85 -6.37
CA LYS F 6 -14.80 -27.71 -5.46
C LYS F 6 -13.82 -28.00 -4.34
N THR F 7 -13.29 -26.93 -3.77
CA THR F 7 -12.46 -27.04 -2.58
C THR F 7 -13.31 -26.85 -1.34
N LEU F 8 -12.69 -27.07 -0.17
CA LEU F 8 -13.42 -27.00 1.08
C LEU F 8 -13.97 -25.60 1.36
N THR F 9 -13.40 -24.57 0.73
CA THR F 9 -13.85 -23.20 0.93
C THR F 9 -14.94 -22.78 -0.04
N GLY F 10 -15.19 -23.58 -1.08
CA GLY F 10 -16.19 -23.26 -2.07
C GLY F 10 -15.65 -22.70 -3.36
N LYS F 11 -14.32 -22.74 -3.54
CA LYS F 11 -13.74 -22.38 -4.83
C LYS F 11 -14.01 -23.52 -5.80
N THR F 12 -14.45 -23.19 -7.01
CA THR F 12 -15.00 -24.18 -7.91
C THR F 12 -14.34 -24.10 -9.28
N ILE F 13 -13.99 -25.26 -9.82
CA ILE F 13 -13.61 -25.42 -11.22
C ILE F 13 -14.51 -26.47 -11.83
N THR F 14 -14.53 -26.51 -13.16
CA THR F 14 -15.39 -27.43 -13.90
C THR F 14 -14.53 -28.23 -14.87
N LEU F 15 -14.74 -29.54 -14.91
CA LEU F 15 -14.01 -30.42 -15.81
C LEU F 15 -14.96 -31.16 -16.72
N GLU F 16 -14.59 -31.25 -17.99
CA GLU F 16 -15.30 -32.08 -18.96
C GLU F 16 -14.66 -33.46 -18.96
N VAL F 17 -15.42 -34.48 -18.57
CA VAL F 17 -14.92 -35.84 -18.44
C VAL F 17 -15.95 -36.80 -19.01
N GLU F 18 -15.53 -38.06 -19.16
CA GLU F 18 -16.40 -39.15 -19.56
C GLU F 18 -16.44 -40.20 -18.47
N PRO F 19 -17.57 -40.88 -18.30
CA PRO F 19 -17.64 -41.92 -17.25
C PRO F 19 -16.63 -43.04 -17.41
N SER F 20 -16.04 -43.20 -18.60
CA SER F 20 -14.99 -44.18 -18.80
C SER F 20 -13.66 -43.74 -18.19
N ASP F 21 -13.50 -42.45 -17.95
CA ASP F 21 -12.23 -41.93 -17.43
C ASP F 21 -11.97 -42.45 -16.03
N THR F 22 -10.69 -42.55 -15.68
CA THR F 22 -10.28 -43.05 -14.37
C THR F 22 -9.96 -41.89 -13.44
N ILE F 23 -10.00 -42.17 -12.13
CA ILE F 23 -9.66 -41.15 -11.14
C ILE F 23 -8.24 -40.65 -11.33
N GLU F 24 -7.33 -41.53 -11.76
CA GLU F 24 -5.98 -41.08 -12.13
C GLU F 24 -6.05 -40.14 -13.32
N ASN F 25 -6.87 -40.46 -14.32
CA ASN F 25 -7.02 -39.59 -15.49
C ASN F 25 -7.72 -38.28 -15.11
N VAL F 26 -8.70 -38.34 -14.20
CA VAL F 26 -9.35 -37.13 -13.73
C VAL F 26 -8.35 -36.24 -13.01
N LYS F 27 -7.53 -36.84 -12.15
CA LYS F 27 -6.48 -36.09 -11.47
C LYS F 27 -5.48 -35.52 -12.47
N ALA F 28 -5.26 -36.21 -13.59
CA ALA F 28 -4.41 -35.66 -14.64
C ALA F 28 -5.08 -34.45 -15.31
N LYS F 29 -6.41 -34.50 -15.47
CA LYS F 29 -7.13 -33.35 -16.00
C LYS F 29 -7.05 -32.15 -15.06
N ILE F 30 -7.17 -32.40 -13.75
CA ILE F 30 -7.03 -31.34 -12.77
C ILE F 30 -5.61 -30.77 -12.82
N GLN F 31 -4.62 -31.65 -13.03
CA GLN F 31 -3.25 -31.19 -13.20
C GLN F 31 -3.12 -30.28 -14.42
N ASP F 32 -3.75 -30.66 -15.52
CA ASP F 32 -3.66 -29.85 -16.74
C ASP F 32 -4.33 -28.49 -16.56
N LYS F 33 -5.50 -28.47 -15.93
CA LYS F 33 -6.25 -27.22 -15.80
C LYS F 33 -5.67 -26.30 -14.74
N GLU F 34 -5.34 -26.84 -13.57
CA GLU F 34 -4.94 -26.03 -12.43
C GLU F 34 -3.47 -26.18 -12.03
N GLY F 35 -2.82 -27.28 -12.39
CA GLY F 35 -1.42 -27.47 -12.10
C GLY F 35 -1.09 -28.15 -10.79
N ILE F 36 -2.08 -28.80 -10.16
CA ILE F 36 -1.83 -29.51 -8.91
C ILE F 36 -1.48 -30.95 -9.25
N PRO F 37 -0.35 -31.47 -8.78
CA PRO F 37 0.05 -32.84 -9.10
C PRO F 37 -0.97 -33.86 -8.62
N PRO F 38 -1.18 -34.94 -9.38
CA PRO F 38 -2.20 -35.92 -8.99
C PRO F 38 -1.93 -36.61 -7.67
N ASP F 39 -0.66 -36.74 -7.27
CA ASP F 39 -0.35 -37.38 -5.99
C ASP F 39 -0.83 -36.58 -4.80
N GLN F 40 -1.19 -35.31 -5.00
CA GLN F 40 -1.77 -34.50 -3.94
C GLN F 40 -3.28 -34.51 -3.95
N GLN F 41 -3.89 -35.02 -5.01
CA GLN F 41 -5.33 -34.93 -5.22
C GLN F 41 -6.02 -36.15 -4.63
N ARG F 42 -6.77 -35.94 -3.55
CA ARG F 42 -7.70 -36.94 -3.04
C ARG F 42 -9.10 -36.43 -3.39
N LEU F 43 -9.81 -37.17 -4.22
CA LEU F 43 -11.10 -36.74 -4.76
C LEU F 43 -12.22 -37.49 -4.04
N ILE F 44 -13.29 -36.76 -3.74
CA ILE F 44 -14.40 -37.27 -2.92
C ILE F 44 -15.70 -37.14 -3.69
N PHE F 45 -16.53 -38.18 -3.62
CA PHE F 45 -17.88 -38.13 -4.18
C PHE F 45 -18.76 -39.21 -3.55
N ALA F 46 -20.03 -38.86 -3.34
CA ALA F 46 -21.06 -39.78 -2.86
C ALA F 46 -20.65 -40.47 -1.56
N GLY F 47 -19.96 -39.73 -0.69
CA GLY F 47 -19.49 -40.34 0.53
C GLY F 47 -18.52 -41.45 0.26
N LYS F 48 -17.55 -41.22 -0.62
CA LYS F 48 -16.55 -42.23 -0.91
C LYS F 48 -15.23 -41.58 -1.23
N GLN F 49 -14.14 -42.21 -0.81
CA GLN F 49 -12.82 -41.89 -1.32
C GLN F 49 -12.65 -42.57 -2.67
N LEU F 50 -12.24 -41.80 -3.68
CA LEU F 50 -12.16 -42.34 -5.03
C LEU F 50 -10.79 -42.97 -5.24
N GLU F 51 -10.79 -44.19 -5.79
CA GLU F 51 -9.57 -44.94 -6.04
C GLU F 51 -9.12 -44.71 -7.47
N ASP F 52 -7.82 -44.42 -7.64
CA ASP F 52 -7.29 -44.07 -8.96
C ASP F 52 -7.47 -45.18 -9.98
N GLY F 53 -7.68 -46.42 -9.54
CA GLY F 53 -7.83 -47.52 -10.49
C GLY F 53 -9.21 -47.62 -11.10
N ARG F 54 -10.23 -47.12 -10.41
CA ARG F 54 -11.60 -47.25 -10.88
C ARG F 54 -12.01 -46.03 -11.69
N THR F 55 -13.08 -46.21 -12.46
CA THR F 55 -13.58 -45.17 -13.36
C THR F 55 -14.74 -44.42 -12.72
N LEU F 56 -15.16 -43.33 -13.39
CA LEU F 56 -16.27 -42.53 -12.89
C LEU F 56 -17.57 -43.32 -12.92
N SER F 57 -17.77 -44.13 -13.95
CA SER F 57 -18.97 -44.95 -14.03
C SER F 57 -18.99 -46.03 -12.95
N ASP F 58 -17.81 -46.51 -12.54
CA ASP F 58 -17.74 -47.48 -11.45
C ASP F 58 -18.37 -46.94 -10.18
N TYR F 59 -18.18 -45.65 -9.91
CA TYR F 59 -18.69 -45.01 -8.71
C TYR F 59 -20.09 -44.43 -8.89
N ASN F 60 -20.72 -44.66 -10.04
CA ASN F 60 -22.04 -44.10 -10.35
C ASN F 60 -22.00 -42.58 -10.26
N ILE F 61 -20.99 -41.99 -10.89
CA ILE F 61 -20.83 -40.53 -10.93
C ILE F 61 -21.53 -40.07 -12.21
N GLN F 62 -22.82 -39.81 -12.10
CA GLN F 62 -23.63 -39.43 -13.25
C GLN F 62 -23.36 -37.99 -13.67
N LYS F 63 -24.13 -37.52 -14.66
CA LYS F 63 -23.98 -36.17 -15.17
C LYS F 63 -24.31 -35.14 -14.11
N GLU F 64 -23.59 -34.01 -14.14
CA GLU F 64 -23.78 -32.87 -13.25
C GLU F 64 -23.42 -33.20 -11.81
N SER F 65 -22.67 -34.27 -11.58
CA SER F 65 -22.20 -34.59 -10.25
C SER F 65 -21.15 -33.57 -9.80
N THR F 66 -20.93 -33.50 -8.49
CA THR F 66 -19.96 -32.59 -7.89
C THR F 66 -18.96 -33.38 -7.07
N LEU F 67 -17.68 -33.17 -7.34
CA LEU F 67 -16.62 -33.76 -6.54
C LEU F 67 -16.01 -32.70 -5.63
N HIS F 68 -15.32 -33.18 -4.61
CA HIS F 68 -14.56 -32.31 -3.71
C HIS F 68 -13.11 -32.75 -3.72
N LEU F 69 -12.21 -31.80 -3.48
CA LEU F 69 -10.78 -32.02 -3.62
C LEU F 69 -10.07 -31.60 -2.35
N VAL F 70 -9.31 -32.52 -1.76
CA VAL F 70 -8.54 -32.29 -0.55
C VAL F 70 -7.06 -32.53 -0.86
N LEU F 71 -6.21 -31.60 -0.43
CA LEU F 71 -4.77 -31.73 -0.65
C LEU F 71 -4.19 -32.80 0.26
N ARG F 72 -3.22 -33.55 -0.26
CA ARG F 72 -2.65 -34.68 0.46
C ARG F 72 -1.26 -34.42 1.03
N LEU F 73 -0.46 -33.58 0.38
CA LEU F 73 0.93 -33.33 0.80
C LEU F 73 1.71 -34.65 0.88
N ASN G 15 3.52 15.16 -8.54
CA ASN G 15 2.58 16.05 -9.22
C ASN G 15 1.85 15.22 -10.29
N SER G 16 0.70 15.70 -10.76
CA SER G 16 -0.11 14.87 -11.65
C SER G 16 0.52 14.74 -13.03
N LEU G 17 1.39 15.68 -13.39
CA LEU G 17 2.14 15.57 -14.65
C LEU G 17 3.20 14.47 -14.57
N GLU G 18 3.97 14.43 -13.48
CA GLU G 18 4.99 13.40 -13.33
C GLU G 18 4.38 12.01 -13.23
N ILE G 19 3.21 11.88 -12.59
CA ILE G 19 2.53 10.60 -12.54
C ILE G 19 1.95 10.24 -13.90
N GLU G 20 1.36 11.23 -14.60
CA GLU G 20 0.90 10.97 -15.96
C GLU G 20 2.04 10.46 -16.84
N GLU G 21 3.24 11.06 -16.70
CA GLU G 21 4.38 10.65 -17.51
C GLU G 21 4.90 9.28 -17.09
N LEU G 22 4.82 8.96 -15.80
CA LEU G 22 5.22 7.64 -15.34
C LEU G 22 4.24 6.57 -15.81
N ALA G 23 2.96 6.92 -15.90
CA ALA G 23 1.95 5.98 -16.40
C ALA G 23 2.12 5.76 -17.90
N ARG G 24 2.33 6.84 -18.66
CA ARG G 24 2.65 6.69 -20.08
C ARG G 24 3.92 5.87 -20.26
N PHE G 25 4.89 6.07 -19.37
CA PHE G 25 6.09 5.24 -19.35
C PHE G 25 5.74 3.77 -19.17
N ALA G 26 4.91 3.47 -18.17
CA ALA G 26 4.51 2.08 -17.91
C ALA G 26 3.81 1.47 -19.13
N VAL G 27 2.89 2.21 -19.73
CA VAL G 27 2.14 1.70 -20.87
C VAL G 27 3.05 1.48 -22.06
N ASP G 28 3.93 2.44 -22.34
CA ASP G 28 4.86 2.31 -23.47
C ASP G 28 5.79 1.11 -23.27
N GLU G 29 6.34 0.96 -22.06
CA GLU G 29 7.29 -0.12 -21.82
C GLU G 29 6.60 -1.49 -21.83
N HIS G 30 5.37 -1.58 -21.31
CA HIS G 30 4.62 -2.84 -21.41
C HIS G 30 4.29 -3.16 -22.86
N ASN G 31 3.78 -2.17 -23.60
CA ASN G 31 3.48 -2.36 -25.01
C ASN G 31 4.71 -2.84 -25.76
N LYS G 32 5.89 -2.33 -25.38
CA LYS G 32 7.12 -2.81 -25.98
C LYS G 32 7.49 -4.20 -25.46
N LYS G 33 6.97 -4.57 -24.29
CA LYS G 33 7.33 -5.85 -23.68
C LYS G 33 6.56 -7.01 -24.29
N GLU G 34 5.32 -6.76 -24.71
CA GLU G 34 4.48 -7.82 -25.27
C GLU G 34 4.06 -7.56 -26.71
N ASN G 35 4.64 -6.53 -27.36
CA ASN G 35 4.17 -6.07 -28.67
C ASN G 35 2.68 -5.76 -28.65
N ALA G 36 2.16 -5.41 -27.47
CA ALA G 36 0.79 -4.97 -27.33
C ALA G 36 0.67 -3.50 -27.72
N LEU G 37 -0.57 -3.06 -27.95
CA LEU G 37 -0.86 -1.68 -28.34
C LEU G 37 -1.96 -1.15 -27.42
N LEU G 38 -1.58 -0.81 -26.18
CA LEU G 38 -2.51 -0.26 -25.22
C LEU G 38 -2.49 1.26 -25.33
N GLU G 39 -3.67 1.87 -25.36
CA GLU G 39 -3.82 3.31 -25.52
C GLU G 39 -4.07 3.96 -24.15
N PHE G 40 -3.07 4.64 -23.62
CA PHE G 40 -3.19 5.35 -22.35
C PHE G 40 -4.36 6.34 -22.38
N VAL G 41 -5.24 6.22 -21.39
CA VAL G 41 -6.36 7.14 -21.26
C VAL G 41 -6.10 8.16 -20.16
N ARG G 42 -5.92 7.70 -18.93
CA ARG G 42 -5.78 8.59 -17.79
C ARG G 42 -5.31 7.78 -16.59
N VAL G 43 -4.97 8.50 -15.52
CA VAL G 43 -4.63 7.91 -14.23
C VAL G 43 -5.81 8.13 -13.31
N VAL G 44 -6.42 7.04 -12.85
CA VAL G 44 -7.60 7.12 -11.99
C VAL G 44 -7.19 7.21 -10.53
N LYS G 45 -6.34 6.29 -10.06
CA LYS G 45 -5.88 6.27 -8.69
C LYS G 45 -4.39 6.02 -8.68
N ALA G 46 -3.72 6.58 -7.68
CA ALA G 46 -2.28 6.41 -7.55
C ALA G 46 -1.93 6.24 -6.08
N LYS G 47 -1.16 5.22 -5.78
CA LYS G 47 -0.61 5.03 -4.46
C LYS G 47 0.87 4.74 -4.64
N GLU G 48 1.68 5.23 -3.72
CA GLU G 48 3.11 5.07 -3.86
C GLU G 48 3.72 4.82 -2.49
N GLN G 49 4.85 4.12 -2.50
CA GLN G 49 5.68 3.93 -1.34
C GLN G 49 7.00 4.63 -1.61
N ILE G 50 7.41 5.49 -0.69
CA ILE G 50 8.54 6.38 -0.88
C ILE G 50 9.59 6.03 0.16
N TRP G 51 10.83 5.93 -0.28
CA TRP G 51 11.97 5.89 0.60
C TRP G 51 12.78 7.17 0.41
N GLU G 52 13.12 7.83 1.52
CA GLU G 52 13.87 9.07 1.50
C GLU G 52 15.16 8.86 2.25
N MET G 53 16.05 9.82 2.06
CA MET G 53 17.40 9.83 2.57
C MET G 53 17.97 11.20 2.29
N ASP G 54 19.17 11.45 2.79
CA ASP G 54 19.82 12.74 2.61
C ASP G 54 19.82 13.19 1.17
N ALA G 55 20.05 12.26 0.23
CA ALA G 55 20.12 12.60 -1.19
C ALA G 55 19.11 11.78 -2.00
N SER G 56 19.30 10.47 -2.11
CA SER G 56 18.46 9.67 -2.99
C SER G 56 17.03 9.57 -2.49
N LYS G 57 16.09 9.43 -3.43
CA LYS G 57 14.68 9.19 -3.14
C LYS G 57 14.22 8.00 -3.97
N GLU G 58 13.92 6.89 -3.30
CA GLU G 58 13.45 5.68 -3.97
C GLU G 58 11.93 5.63 -3.93
N THR G 59 11.32 5.27 -5.06
CA THR G 59 9.87 5.26 -5.15
C THR G 59 9.36 4.07 -5.92
N MET G 60 8.42 3.35 -5.31
CA MET G 60 7.66 2.31 -5.98
C MET G 60 6.25 2.85 -6.19
N TYR G 61 5.89 3.11 -7.43
CA TYR G 61 4.56 3.62 -7.75
C TYR G 61 3.60 2.46 -7.99
N TYR G 62 2.44 2.50 -7.34
CA TYR G 62 1.36 1.56 -7.57
C TYR G 62 0.28 2.39 -8.23
N LEU G 63 0.29 2.42 -9.56
CA LEU G 63 -0.62 3.27 -10.32
C LEU G 63 -1.78 2.44 -10.84
N THR G 64 -2.99 2.91 -10.60
CA THR G 64 -4.18 2.35 -11.21
C THR G 64 -4.59 3.28 -12.34
N LEU G 65 -4.42 2.82 -13.57
CA LEU G 65 -4.59 3.64 -14.77
C LEU G 65 -5.68 3.06 -15.65
N GLU G 66 -6.19 3.90 -16.54
CA GLU G 66 -7.17 3.50 -17.55
C GLU G 66 -6.46 3.42 -18.89
N ALA G 67 -6.63 2.28 -19.58
CA ALA G 67 -6.02 2.07 -20.88
C ALA G 67 -6.97 1.28 -21.77
N LYS G 68 -6.92 1.58 -23.07
CA LYS G 68 -7.78 0.95 -24.05
C LYS G 68 -7.06 -0.23 -24.68
N ASP G 69 -7.64 -1.42 -24.58
CA ASP G 69 -7.02 -2.64 -25.11
C ASP G 69 -7.43 -2.83 -26.57
N GLY G 70 -8.68 -3.16 -26.81
CA GLY G 70 -9.20 -3.28 -28.16
C GLY G 70 -9.76 -2.02 -28.75
N GLY G 71 -9.90 -0.98 -27.92
CA GLY G 71 -10.52 0.27 -28.34
C GLY G 71 -11.47 0.74 -27.27
N LYS G 72 -11.93 -0.19 -26.43
CA LYS G 72 -12.76 0.11 -25.29
C LYS G 72 -11.91 0.17 -24.03
N LYS G 73 -12.19 1.13 -23.16
CA LYS G 73 -11.37 1.33 -21.98
C LYS G 73 -11.37 0.11 -21.07
N LYS G 74 -10.20 -0.21 -20.54
CA LYS G 74 -10.01 -1.25 -19.54
C LYS G 74 -9.12 -0.70 -18.44
N LEU G 75 -9.10 -1.37 -17.30
CA LEU G 75 -8.42 -0.89 -16.12
C LEU G 75 -7.22 -1.78 -15.82
N TYR G 76 -6.05 -1.16 -15.69
CA TYR G 76 -4.81 -1.86 -15.39
C TYR G 76 -4.11 -1.24 -14.18
N GLU G 77 -3.44 -2.10 -13.42
CA GLU G 77 -2.61 -1.70 -12.30
C GLU G 77 -1.16 -1.87 -12.70
N ALA G 78 -0.39 -0.81 -12.61
CA ALA G 78 1.02 -0.84 -12.98
C ALA G 78 1.88 -0.52 -11.77
N LYS G 79 3.04 -1.15 -11.71
CA LYS G 79 4.00 -0.91 -10.65
C LYS G 79 5.31 -0.47 -11.27
N VAL G 80 5.70 0.77 -10.98
CA VAL G 80 6.91 1.37 -11.53
C VAL G 80 7.87 1.65 -10.39
N TRP G 81 9.10 1.19 -10.54
CA TRP G 81 10.15 1.48 -9.56
C TRP G 81 10.94 2.65 -10.11
N VAL G 82 11.16 3.67 -9.29
CA VAL G 82 11.83 4.89 -9.70
C VAL G 82 12.84 5.25 -8.63
N LYS G 83 14.13 5.22 -8.98
CA LYS G 83 15.20 5.58 -8.07
C LYS G 83 15.92 6.80 -8.62
N MET G 84 15.82 7.91 -7.90
CA MET G 84 16.55 9.13 -8.24
C MET G 84 17.71 9.27 -7.26
N THR G 85 18.93 9.13 -7.77
CA THR G 85 20.14 9.22 -6.95
C THR G 85 20.98 10.37 -7.45
N HIS G 86 21.27 11.33 -6.58
CA HIS G 86 22.10 12.45 -6.95
C HIS G 86 23.11 12.71 -5.83
N TRP G 87 24.34 12.98 -6.23
CA TRP G 87 25.40 13.36 -5.31
C TRP G 87 26.03 14.63 -5.85
N ILE G 88 27.01 15.15 -5.12
CA ILE G 88 27.61 16.42 -5.49
C ILE G 88 28.12 16.37 -6.92
N GLY G 89 27.57 17.22 -7.79
CA GLY G 89 27.96 17.25 -9.18
C GLY G 89 27.11 16.44 -10.13
N ALA G 90 26.22 15.57 -9.64
CA ALA G 90 25.57 14.66 -10.56
C ALA G 90 24.14 14.37 -10.11
N MET G 91 23.40 13.73 -11.01
CA MET G 91 22.07 13.21 -10.72
C MET G 91 21.81 11.99 -11.58
N ASN G 92 21.30 10.93 -10.96
CA ASN G 92 20.82 9.76 -11.69
C ASN G 92 19.32 9.68 -11.53
N ASN G 93 18.63 9.33 -12.61
CA ASN G 93 17.20 9.04 -12.59
C ASN G 93 16.97 7.70 -13.26
N PHE G 94 16.77 6.67 -12.46
CA PHE G 94 16.44 5.35 -12.97
C PHE G 94 14.98 5.07 -12.65
N LYS G 95 14.24 4.61 -13.65
CA LYS G 95 12.88 4.17 -13.46
C LYS G 95 12.70 2.85 -14.20
N GLU G 96 11.85 1.98 -13.66
CA GLU G 96 11.74 0.63 -14.18
C GLU G 96 10.33 0.10 -13.98
N LEU G 97 9.75 -0.44 -15.04
CA LEU G 97 8.45 -1.08 -14.94
C LEU G 97 8.68 -2.47 -14.36
N GLN G 98 8.21 -2.70 -13.14
CA GLN G 98 8.48 -3.96 -12.45
C GLN G 98 7.38 -5.00 -12.66
N GLU G 99 6.14 -4.57 -12.82
CA GLU G 99 5.03 -5.49 -13.02
C GLU G 99 3.88 -4.73 -13.67
N PHE G 100 3.19 -5.40 -14.57
CA PHE G 100 1.98 -4.87 -15.19
C PHE G 100 0.90 -5.93 -15.18
N LYS G 101 -0.27 -5.58 -14.65
CA LYS G 101 -1.36 -6.54 -14.51
C LYS G 101 -2.67 -5.77 -14.44
N PRO G 102 -3.76 -6.29 -15.02
CA PRO G 102 -5.06 -5.64 -14.83
C PRO G 102 -5.60 -5.80 -13.41
N VAL G 103 -6.86 -5.44 -13.21
CA VAL G 103 -7.52 -5.57 -11.91
C VAL G 103 -7.67 -7.06 -11.59
N ASN H 15 11.20 19.92 -1.77
CA ASN H 15 10.20 19.55 -0.77
C ASN H 15 10.85 19.22 0.57
N SER H 16 12.18 19.31 0.63
CA SER H 16 12.88 18.86 1.83
C SER H 16 12.63 19.82 2.98
N LEU H 17 12.26 21.06 2.66
CA LEU H 17 11.84 22.02 3.66
C LEU H 17 10.49 21.62 4.25
N GLU H 18 9.55 21.15 3.42
CA GLU H 18 8.27 20.71 3.92
C GLU H 18 8.39 19.50 4.85
N ILE H 19 9.33 18.59 4.56
CA ILE H 19 9.57 17.47 5.47
C ILE H 19 10.25 17.95 6.73
N GLU H 20 11.23 18.85 6.61
CA GLU H 20 11.83 19.46 7.79
C GLU H 20 10.77 20.13 8.66
N GLU H 21 9.81 20.81 8.03
CA GLU H 21 8.75 21.49 8.77
C GLU H 21 7.77 20.50 9.39
N LEU H 22 7.55 19.35 8.74
CA LEU H 22 6.74 18.32 9.35
C LEU H 22 7.45 17.70 10.56
N ALA H 23 8.78 17.61 10.50
CA ALA H 23 9.54 17.12 11.64
C ALA H 23 9.52 18.12 12.79
N ARG H 24 9.71 19.41 12.49
CA ARG H 24 9.55 20.43 13.52
C ARG H 24 8.15 20.41 14.09
N PHE H 25 7.16 20.16 13.23
CA PHE H 25 5.79 19.95 13.70
C PHE H 25 5.72 18.79 14.68
N ALA H 26 6.33 17.65 14.32
CA ALA H 26 6.33 16.49 15.20
C ALA H 26 6.96 16.81 16.55
N VAL H 27 8.11 17.48 16.54
CA VAL H 27 8.82 17.78 17.78
C VAL H 27 8.01 18.75 18.64
N ASP H 28 7.48 19.80 18.01
CA ASP H 28 6.66 20.78 18.74
C ASP H 28 5.43 20.13 19.34
N GLU H 29 4.73 19.31 18.55
CA GLU H 29 3.50 18.68 19.03
C GLU H 29 3.78 17.65 20.12
N HIS H 30 4.88 16.92 20.01
CA HIS H 30 5.29 16.03 21.10
C HIS H 30 5.55 16.83 22.37
N ASN H 31 6.28 17.93 22.23
CA ASN H 31 6.54 18.81 23.36
C ASN H 31 5.23 19.30 23.99
N LYS H 32 4.22 19.56 23.16
CA LYS H 32 2.93 19.99 23.69
C LYS H 32 2.16 18.85 24.33
N LYS H 33 2.40 17.62 23.89
CA LYS H 33 1.62 16.49 24.37
C LYS H 33 2.16 15.94 25.68
N GLU H 34 3.48 16.01 25.91
CA GLU H 34 4.06 15.48 27.13
C GLU H 34 4.74 16.54 27.98
N ASN H 35 4.63 17.82 27.62
CA ASN H 35 5.40 18.90 28.25
C ASN H 35 6.90 18.58 28.22
N ALA H 36 7.31 17.80 27.22
CA ALA H 36 8.71 17.51 26.97
C ALA H 36 9.37 18.69 26.27
N LEU H 37 10.70 18.68 26.24
CA LEU H 37 11.46 19.78 25.63
C LEU H 37 12.50 19.23 24.66
N LEU H 38 12.05 18.80 23.49
CA LEU H 38 12.95 18.33 22.44
C LEU H 38 13.29 19.48 21.50
N GLU H 39 14.58 19.61 21.18
CA GLU H 39 15.06 20.64 20.26
C GLU H 39 15.37 20.01 18.91
N PHE H 40 14.53 20.30 17.92
CA PHE H 40 14.73 19.77 16.57
C PHE H 40 16.11 20.12 16.02
N VAL H 41 16.85 19.10 15.57
CA VAL H 41 18.13 19.31 14.93
C VAL H 41 18.02 19.13 13.42
N ARG H 42 17.61 17.94 12.98
CA ARG H 42 17.60 17.61 11.55
C ARG H 42 16.78 16.35 11.31
N VAL H 43 16.57 16.06 10.03
CA VAL H 43 15.89 14.84 9.58
C VAL H 43 16.95 13.92 8.98
N VAL H 44 17.06 12.71 9.53
CA VAL H 44 18.05 11.76 9.04
C VAL H 44 17.50 10.92 7.90
N LYS H 45 16.36 10.29 8.12
CA LYS H 45 15.72 9.43 7.15
C LYS H 45 14.22 9.71 7.17
N ALA H 46 13.59 9.52 6.03
CA ALA H 46 12.16 9.72 5.89
C ALA H 46 11.58 8.63 5.01
N LYS H 47 10.45 8.08 5.43
CA LYS H 47 9.71 7.17 4.58
C LYS H 47 8.25 7.58 4.61
N GLU H 48 7.57 7.48 3.47
CA GLU H 48 6.18 7.91 3.42
C GLU H 48 5.40 6.98 2.50
N GLN H 49 4.12 6.86 2.78
CA GLN H 49 3.16 6.18 1.93
C GLN H 49 2.11 7.19 1.52
N ILE H 50 1.83 7.27 0.23
CA ILE H 50 0.95 8.28 -0.33
C ILE H 50 -0.22 7.58 -1.03
N TRP H 51 -1.43 8.07 -0.78
CA TRP H 51 -2.58 7.71 -1.59
C TRP H 51 -3.00 8.95 -2.36
N GLU H 52 -3.14 8.82 -3.67
CA GLU H 52 -3.40 9.96 -4.54
C GLU H 52 -4.71 9.78 -5.30
N MET H 53 -5.61 10.75 -5.13
CA MET H 53 -6.94 10.75 -5.73
C MET H 53 -7.07 12.00 -6.58
N ASP H 54 -8.20 12.10 -7.28
CA ASP H 54 -8.45 13.24 -8.15
C ASP H 54 -8.30 14.57 -7.40
N ALA H 55 -8.86 14.66 -6.19
CA ALA H 55 -8.90 15.91 -5.46
C ALA H 55 -8.10 15.94 -4.18
N SER H 56 -7.51 14.82 -3.74
CA SER H 56 -6.86 14.78 -2.44
C SER H 56 -5.58 13.96 -2.53
N LYS H 57 -4.68 14.22 -1.59
CA LYS H 57 -3.44 13.46 -1.42
C LYS H 57 -3.26 13.20 0.08
N GLU H 58 -3.40 11.93 0.47
CA GLU H 58 -3.15 11.53 1.85
C GLU H 58 -1.75 10.93 1.94
N THR H 59 -1.02 11.32 2.98
CA THR H 59 0.36 10.88 3.14
C THR H 59 0.62 10.55 4.61
N MET H 60 1.13 9.34 4.85
CA MET H 60 1.58 8.93 6.17
C MET H 60 3.11 8.95 6.17
N TYR H 61 3.68 9.89 6.89
CA TYR H 61 5.14 10.06 6.92
C TYR H 61 5.72 9.22 8.05
N TYR H 62 6.77 8.46 7.74
CA TYR H 62 7.55 7.73 8.74
C TYR H 62 8.89 8.45 8.77
N LEU H 63 9.02 9.45 9.63
CA LEU H 63 10.19 10.31 9.65
C LEU H 63 11.14 9.91 10.78
N THR H 64 12.40 9.72 10.44
CA THR H 64 13.47 9.53 11.41
C THR H 64 14.27 10.83 11.48
N LEU H 65 14.14 11.54 12.59
CA LEU H 65 14.74 12.85 12.76
C LEU H 65 15.69 12.84 13.94
N GLU H 66 16.58 13.83 13.97
CA GLU H 66 17.51 14.04 15.07
C GLU H 66 17.05 15.26 15.87
N ALA H 67 16.95 15.09 17.19
CA ALA H 67 16.58 16.18 18.07
C ALA H 67 17.37 16.08 19.37
N LYS H 68 17.67 17.22 19.95
CA LYS H 68 18.46 17.32 21.18
C LYS H 68 17.50 17.39 22.36
N ASP H 69 17.53 16.38 23.23
CA ASP H 69 16.60 16.31 24.34
C ASP H 69 17.08 17.13 25.54
N GLY H 70 18.32 16.93 25.96
CA GLY H 70 18.89 17.61 27.10
C GLY H 70 20.10 18.43 26.67
N GLY H 71 20.50 18.24 25.42
CA GLY H 71 21.69 18.87 24.89
C GLY H 71 22.47 17.88 24.05
N LYS H 72 22.23 16.59 24.27
CA LYS H 72 22.84 15.54 23.47
C LYS H 72 21.85 15.05 22.42
N LYS H 73 22.35 14.86 21.20
CA LYS H 73 21.50 14.46 20.09
C LYS H 73 20.89 13.08 20.34
N LYS H 74 19.62 12.93 19.97
CA LYS H 74 18.95 11.64 20.00
C LYS H 74 18.19 11.45 18.69
N LEU H 75 17.84 10.19 18.42
CA LEU H 75 17.20 9.81 17.17
C LEU H 75 15.76 9.41 17.47
N TYR H 76 14.82 10.00 16.73
CA TYR H 76 13.42 9.74 16.95
C TYR H 76 12.75 9.31 15.65
N GLU H 77 11.79 8.41 15.79
CA GLU H 77 10.95 7.98 14.68
C GLU H 77 9.56 8.55 14.91
N ALA H 78 9.07 9.32 13.95
CA ALA H 78 7.76 9.94 14.05
C ALA H 78 6.88 9.47 12.90
N LYS H 79 5.59 9.34 13.18
CA LYS H 79 4.61 9.01 12.17
C LYS H 79 3.57 10.12 12.15
N VAL H 80 3.51 10.85 11.04
CA VAL H 80 2.62 11.99 10.89
C VAL H 80 1.65 11.69 9.76
N TRP H 81 0.37 11.87 10.01
CA TRP H 81 -0.64 11.73 8.98
C TRP H 81 -0.93 13.12 8.44
N VAL H 82 -0.89 13.27 7.12
CA VAL H 82 -1.08 14.56 6.48
C VAL H 82 -2.03 14.36 5.32
N LYS H 83 -3.20 14.99 5.38
CA LYS H 83 -4.19 14.93 4.31
C LYS H 83 -4.41 16.33 3.75
N MET H 84 -4.14 16.49 2.46
CA MET H 84 -4.39 17.74 1.74
C MET H 84 -5.63 17.55 0.88
N THR H 85 -6.71 18.25 1.22
CA THR H 85 -7.97 18.16 0.50
C THR H 85 -8.34 19.52 -0.04
N HIS H 86 -8.50 19.61 -1.37
CA HIS H 86 -8.89 20.87 -1.99
C HIS H 86 -9.96 20.62 -3.03
N TRP H 87 -10.95 21.50 -3.04
CA TRP H 87 -12.04 21.49 -4.02
C TRP H 87 -12.16 22.87 -4.60
N ILE H 88 -13.09 23.02 -5.55
CA ILE H 88 -13.22 24.28 -6.28
C ILE H 88 -13.44 25.43 -5.30
N GLY H 89 -12.50 26.37 -5.26
CA GLY H 89 -12.59 27.53 -4.40
C GLY H 89 -11.78 27.47 -3.12
N ALA H 90 -11.27 26.31 -2.72
CA ALA H 90 -10.66 26.19 -1.40
C ALA H 90 -9.53 25.17 -1.44
N MET H 91 -8.80 25.12 -0.32
CA MET H 91 -7.79 24.10 -0.04
C MET H 91 -7.74 23.87 1.46
N ASN H 92 -7.70 22.59 1.84
CA ASN H 92 -7.47 22.22 3.23
C ASN H 92 -6.12 21.53 3.36
N ASN H 93 -5.41 21.85 4.44
CA ASN H 93 -4.16 21.17 4.81
C ASN H 93 -4.28 20.74 6.26
N PHE H 94 -4.59 19.46 6.48
CA PHE H 94 -4.65 18.90 7.82
C PHE H 94 -3.44 18.01 8.06
N LYS H 95 -2.79 18.20 9.21
CA LYS H 95 -1.67 17.36 9.62
C LYS H 95 -1.85 17.01 11.09
N GLU H 96 -1.39 15.81 11.45
CA GLU H 96 -1.59 15.30 12.80
C GLU H 96 -0.44 14.36 13.15
N LEU H 97 0.16 14.56 14.32
CA LEU H 97 1.20 13.66 14.82
C LEU H 97 0.53 12.39 15.34
N GLN H 98 0.78 11.27 14.66
CA GLN H 98 0.13 10.02 15.00
C GLN H 98 0.94 9.19 15.99
N GLU H 99 2.26 9.29 15.94
CA GLU H 99 3.12 8.56 16.85
C GLU H 99 4.48 9.23 16.88
N PHE H 100 5.07 9.29 18.07
CA PHE H 100 6.41 9.79 18.28
C PHE H 100 7.16 8.84 19.20
N LYS H 101 8.33 8.38 18.77
CA LYS H 101 9.04 7.38 19.56
C LYS H 101 10.52 7.44 19.25
N PRO H 102 11.38 7.25 20.24
CA PRO H 102 12.82 7.12 19.95
C PRO H 102 13.15 5.81 19.26
N VAL H 103 14.44 5.50 19.12
CA VAL H 103 14.87 4.25 18.51
C VAL H 103 14.91 3.14 19.55
N GLU I 14 -16.92 -29.00 33.63
CA GLU I 14 -16.12 -29.02 32.41
C GLU I 14 -17.01 -29.51 31.27
N ASN I 15 -16.78 -28.96 30.08
CA ASN I 15 -17.74 -29.06 28.99
C ASN I 15 -17.48 -30.32 28.17
N SER I 16 -18.54 -31.11 27.99
CA SER I 16 -18.48 -32.38 27.29
C SER I 16 -19.58 -32.48 26.24
N LEU I 17 -20.24 -31.37 25.94
CA LEU I 17 -21.20 -31.37 24.83
C LEU I 17 -20.48 -31.51 23.51
N GLU I 18 -19.40 -30.77 23.32
CA GLU I 18 -18.59 -30.93 22.11
C GLU I 18 -17.99 -32.34 22.06
N ILE I 19 -17.70 -32.92 23.21
CA ILE I 19 -17.22 -34.29 23.26
C ILE I 19 -18.35 -35.25 22.89
N GLU I 20 -19.56 -35.01 23.39
CA GLU I 20 -20.70 -35.82 22.98
C GLU I 20 -20.88 -35.77 21.46
N GLU I 21 -20.74 -34.59 20.85
CA GLU I 21 -20.91 -34.50 19.41
C GLU I 21 -19.75 -35.18 18.68
N LEU I 22 -18.55 -35.13 19.24
CA LEU I 22 -17.42 -35.83 18.65
C LEU I 22 -17.57 -37.34 18.75
N ALA I 23 -18.18 -37.82 19.84
CA ALA I 23 -18.42 -39.24 19.99
C ALA I 23 -19.49 -39.73 19.03
N ARG I 24 -20.58 -38.98 18.89
CA ARG I 24 -21.58 -39.33 17.88
C ARG I 24 -20.97 -39.32 16.48
N PHE I 25 -20.11 -38.34 16.21
CA PHE I 25 -19.37 -38.31 14.95
C PHE I 25 -18.53 -39.58 14.77
N ALA I 26 -17.74 -39.93 15.79
CA ALA I 26 -16.89 -41.13 15.70
C ALA I 26 -17.72 -42.37 15.44
N VAL I 27 -18.82 -42.54 16.17
CA VAL I 27 -19.64 -43.73 16.01
C VAL I 27 -20.26 -43.79 14.62
N ASP I 28 -20.79 -42.66 14.14
CA ASP I 28 -21.40 -42.64 12.81
C ASP I 28 -20.38 -42.96 11.73
N GLU I 29 -19.21 -42.32 11.79
CA GLU I 29 -18.20 -42.53 10.74
C GLU I 29 -17.62 -43.93 10.79
N HIS I 30 -17.40 -44.46 11.99
CA HIS I 30 -16.96 -45.85 12.10
C HIS I 30 -18.01 -46.80 11.55
N ASN I 31 -19.27 -46.57 11.89
CA ASN I 31 -20.35 -47.39 11.34
C ASN I 31 -20.35 -47.35 9.82
N LYS I 32 -20.05 -46.19 9.24
CA LYS I 32 -20.00 -46.07 7.78
C LYS I 32 -18.74 -46.66 7.16
N LYS I 33 -17.65 -46.81 7.92
CA LYS I 33 -16.40 -47.26 7.30
C LYS I 33 -16.36 -48.77 7.10
N GLU I 34 -16.99 -49.55 7.97
CA GLU I 34 -17.04 -51.01 7.83
C GLU I 34 -18.47 -51.50 7.65
N ASN I 35 -19.42 -50.60 7.44
CA ASN I 35 -20.85 -50.91 7.44
C ASN I 35 -21.28 -51.62 8.72
N ALA I 36 -20.57 -51.33 9.82
CA ALA I 36 -20.93 -51.81 11.14
C ALA I 36 -22.05 -50.94 11.72
N LEU I 37 -22.70 -51.46 12.77
CA LEU I 37 -23.81 -50.75 13.43
C LEU I 37 -23.59 -50.73 14.94
N LEU I 38 -22.73 -49.81 15.40
CA LEU I 38 -22.50 -49.63 16.83
C LEU I 38 -23.44 -48.55 17.35
N GLU I 39 -24.08 -48.82 18.49
CA GLU I 39 -25.06 -47.91 19.09
C GLU I 39 -24.44 -47.13 20.25
N PHE I 40 -24.18 -45.85 20.02
CA PHE I 40 -23.65 -44.96 21.06
C PHE I 40 -24.56 -44.92 22.28
N VAL I 41 -23.99 -45.21 23.45
CA VAL I 41 -24.73 -45.07 24.71
C VAL I 41 -24.24 -43.83 25.44
N ARG I 42 -22.94 -43.73 25.70
CA ARG I 42 -22.39 -42.64 26.49
C ARG I 42 -20.88 -42.60 26.29
N VAL I 43 -20.26 -41.54 26.83
CA VAL I 43 -18.83 -41.31 26.74
C VAL I 43 -18.21 -41.61 28.11
N VAL I 44 -17.27 -42.56 28.16
CA VAL I 44 -16.65 -42.90 29.43
C VAL I 44 -15.40 -42.04 29.69
N LYS I 45 -14.47 -41.91 28.74
CA LYS I 45 -13.27 -41.10 28.97
C LYS I 45 -12.97 -40.19 27.78
N ALA I 46 -12.42 -39.01 28.09
CA ALA I 46 -12.01 -38.05 27.07
C ALA I 46 -10.74 -37.33 27.51
N LYS I 47 -9.72 -37.38 26.65
CA LYS I 47 -8.49 -36.61 26.80
C LYS I 47 -8.13 -36.02 25.44
N GLU I 48 -7.49 -34.85 25.45
CA GLU I 48 -7.20 -34.17 24.19
C GLU I 48 -5.81 -33.54 24.23
N GLN I 49 -5.24 -33.39 23.04
CA GLN I 49 -3.99 -32.68 22.81
C GLN I 49 -4.28 -31.44 21.96
N ILE I 50 -3.81 -30.28 22.41
CA ILE I 50 -4.14 -29.01 21.76
C ILE I 50 -2.83 -28.36 21.30
N TRP I 51 -2.81 -27.92 20.04
CA TRP I 51 -1.77 -27.06 19.51
C TRP I 51 -2.37 -25.69 19.21
N GLU I 52 -1.70 -24.62 19.65
CA GLU I 52 -2.24 -23.28 19.53
C GLU I 52 -1.32 -22.40 18.70
N MET I 53 -1.85 -21.88 17.59
CA MET I 53 -1.16 -21.01 16.66
C MET I 53 -1.97 -19.72 16.49
N ASP I 54 -1.40 -18.77 15.74
CA ASP I 54 -2.04 -17.48 15.53
C ASP I 54 -3.48 -17.61 15.02
N ALA I 55 -3.69 -18.42 13.99
CA ALA I 55 -4.98 -18.45 13.30
C ALA I 55 -5.66 -19.82 13.36
N SER I 56 -5.22 -20.71 14.24
CA SER I 56 -5.84 -22.03 14.29
C SER I 56 -5.64 -22.66 15.66
N LYS I 57 -6.47 -23.66 15.95
CA LYS I 57 -6.34 -24.46 17.17
C LYS I 57 -6.56 -25.91 16.78
N GLU I 58 -5.48 -26.69 16.72
CA GLU I 58 -5.56 -28.10 16.36
C GLU I 58 -5.71 -28.93 17.62
N THR I 59 -6.63 -29.90 17.57
CA THR I 59 -6.91 -30.73 18.73
C THR I 59 -7.09 -32.18 18.30
N MET I 60 -6.35 -33.07 18.94
CA MET I 60 -6.50 -34.51 18.77
C MET I 60 -7.23 -35.06 19.99
N TYR I 61 -8.48 -35.48 19.79
CA TYR I 61 -9.29 -36.00 20.88
C TYR I 61 -9.07 -37.50 21.01
N TYR I 62 -8.83 -37.93 22.24
CA TYR I 62 -8.65 -39.35 22.55
C TYR I 62 -9.87 -39.77 23.36
N LEU I 63 -10.89 -40.24 22.65
CA LEU I 63 -12.16 -40.60 23.26
C LEU I 63 -12.26 -42.10 23.42
N THR I 64 -12.56 -42.54 24.64
CA THR I 64 -12.94 -43.90 24.94
C THR I 64 -14.44 -43.85 25.13
N LEU I 65 -15.17 -44.52 24.24
CA LEU I 65 -16.62 -44.46 24.27
C LEU I 65 -17.19 -45.88 24.44
N GLU I 66 -18.44 -45.93 24.89
CA GLU I 66 -19.18 -47.17 25.01
C GLU I 66 -20.23 -47.22 23.91
N ALA I 67 -20.30 -48.35 23.21
CA ALA I 67 -21.27 -48.53 22.13
C ALA I 67 -21.80 -49.96 22.17
N LYS I 68 -23.06 -50.12 21.76
CA LYS I 68 -23.74 -51.41 21.78
C LYS I 68 -23.59 -52.05 20.41
N ASP I 69 -22.88 -53.17 20.35
CA ASP I 69 -22.56 -53.85 19.09
C ASP I 69 -23.68 -54.80 18.68
N GLY I 70 -23.94 -55.82 19.50
CA GLY I 70 -25.02 -56.74 19.24
C GLY I 70 -26.28 -56.35 19.99
N GLY I 71 -26.15 -55.38 20.89
CA GLY I 71 -27.22 -54.95 21.76
C GLY I 71 -26.73 -54.75 23.17
N LYS I 72 -25.62 -55.40 23.50
CA LYS I 72 -24.94 -55.24 24.78
C LYS I 72 -23.77 -54.29 24.64
N LYS I 73 -23.59 -53.42 25.64
CA LYS I 73 -22.55 -52.40 25.59
C LYS I 73 -21.16 -53.02 25.50
N LYS I 74 -20.31 -52.40 24.67
CA LYS I 74 -18.91 -52.75 24.54
C LYS I 74 -18.08 -51.47 24.55
N LEU I 75 -16.78 -51.62 24.78
CA LEU I 75 -15.88 -50.48 24.99
C LEU I 75 -14.94 -50.35 23.80
N TYR I 76 -14.89 -49.16 23.21
CA TYR I 76 -14.04 -48.86 22.07
C TYR I 76 -13.23 -47.60 22.35
N GLU I 77 -12.01 -47.57 21.83
CA GLU I 77 -11.13 -46.41 21.90
C GLU I 77 -11.04 -45.76 20.52
N ALA I 78 -11.40 -44.48 20.45
CA ALA I 78 -11.35 -43.73 19.21
C ALA I 78 -10.47 -42.50 19.35
N LYS I 79 -9.81 -42.13 18.25
CA LYS I 79 -8.99 -40.92 18.17
C LYS I 79 -9.51 -40.07 17.03
N VAL I 80 -9.97 -38.86 17.35
CA VAL I 80 -10.56 -37.95 16.39
C VAL I 80 -9.68 -36.71 16.27
N TRP I 81 -9.37 -36.34 15.03
CA TRP I 81 -8.59 -35.14 14.72
C TRP I 81 -9.52 -33.99 14.41
N VAL I 82 -9.29 -32.84 15.04
CA VAL I 82 -10.15 -31.67 14.88
C VAL I 82 -9.26 -30.43 14.70
N LYS I 83 -9.34 -29.80 13.54
CA LYS I 83 -8.60 -28.57 13.25
C LYS I 83 -9.58 -27.44 13.01
N MET I 84 -9.50 -26.39 13.81
CA MET I 84 -10.31 -25.19 13.67
C MET I 84 -9.42 -24.04 13.24
N THR I 85 -9.75 -23.41 12.11
CA THR I 85 -8.92 -22.37 11.51
C THR I 85 -9.79 -21.17 11.19
N HIS I 86 -9.44 -20.01 11.74
CA HIS I 86 -10.19 -18.80 11.47
C HIS I 86 -9.26 -17.63 11.19
N TRP I 87 -9.61 -16.85 10.17
CA TRP I 87 -8.94 -15.63 9.80
C TRP I 87 -10.01 -14.55 9.60
N ILE I 88 -9.57 -13.33 9.28
CA ILE I 88 -10.49 -12.21 9.21
C ILE I 88 -11.63 -12.54 8.25
N GLY I 89 -12.87 -12.39 8.73
CA GLY I 89 -14.03 -12.67 7.91
C GLY I 89 -14.48 -14.12 7.85
N ALA I 90 -13.69 -15.08 8.34
CA ALA I 90 -14.03 -16.46 8.08
C ALA I 90 -13.68 -17.33 9.29
N MET I 91 -14.17 -18.56 9.25
CA MET I 91 -13.86 -19.58 10.25
C MET I 91 -13.94 -20.94 9.56
N ASN I 92 -12.95 -21.80 9.79
CA ASN I 92 -13.01 -23.18 9.34
C ASN I 92 -13.05 -24.11 10.54
N ASN I 93 -13.86 -25.16 10.45
CA ASN I 93 -13.92 -26.23 11.44
C ASN I 93 -13.77 -27.57 10.74
N PHE I 94 -12.58 -28.15 10.80
CA PHE I 94 -12.33 -29.47 10.22
C PHE I 94 -12.19 -30.50 11.32
N LYS I 95 -12.86 -31.64 11.16
CA LYS I 95 -12.76 -32.76 12.08
C LYS I 95 -12.62 -34.04 11.26
N GLU I 96 -11.89 -35.02 11.81
CA GLU I 96 -11.60 -36.24 11.09
C GLU I 96 -11.44 -37.41 12.05
N LEU I 97 -12.11 -38.51 11.75
CA LEU I 97 -11.95 -39.74 12.54
C LEU I 97 -10.66 -40.41 12.10
N GLN I 98 -9.68 -40.47 12.99
CA GLN I 98 -8.37 -41.01 12.64
C GLN I 98 -8.24 -42.49 12.93
N GLU I 99 -8.88 -42.98 14.00
CA GLU I 99 -8.78 -44.39 14.35
C GLU I 99 -9.94 -44.79 15.25
N PHE I 100 -10.47 -45.98 15.01
CA PHE I 100 -11.47 -46.59 15.88
C PHE I 100 -11.10 -48.06 16.08
N LYS I 101 -11.02 -48.49 17.34
CA LYS I 101 -10.55 -49.83 17.66
C LYS I 101 -11.10 -50.25 19.01
N PRO I 102 -11.43 -51.53 19.20
CA PRO I 102 -11.83 -52.06 20.52
C PRO I 102 -10.69 -52.06 21.53
N GLU J 14 19.24 19.32 -25.90
CA GLU J 14 19.63 19.66 -27.27
C GLU J 14 18.82 20.85 -27.78
N ASN J 15 17.89 21.33 -26.95
CA ASN J 15 17.13 22.54 -27.24
C ASN J 15 17.40 23.54 -26.12
N SER J 16 16.90 24.77 -26.29
CA SER J 16 17.31 25.83 -25.36
C SER J 16 16.66 25.69 -23.98
N LEU J 17 15.53 24.99 -23.88
CA LEU J 17 14.97 24.71 -22.56
C LEU J 17 15.78 23.67 -21.81
N GLU J 18 16.09 22.54 -22.48
CA GLU J 18 16.91 21.51 -21.86
C GLU J 18 18.32 22.02 -21.57
N ILE J 19 18.83 22.89 -22.42
CA ILE J 19 20.14 23.50 -22.16
C ILE J 19 20.05 24.46 -20.98
N GLU J 20 18.97 25.24 -20.90
CA GLU J 20 18.78 26.09 -19.72
C GLU J 20 18.80 25.27 -18.43
N GLU J 21 18.12 24.11 -18.43
CA GLU J 21 18.09 23.30 -17.22
C GLU J 21 19.44 22.65 -16.94
N LEU J 22 20.19 22.28 -17.99
CA LEU J 22 21.52 21.72 -17.77
C LEU J 22 22.49 22.78 -17.28
N ALA J 23 22.33 24.03 -17.74
CA ALA J 23 23.18 25.11 -17.26
C ALA J 23 22.90 25.44 -15.82
N ARG J 24 21.61 25.54 -15.45
CA ARG J 24 21.28 25.75 -14.05
C ARG J 24 21.79 24.60 -13.18
N PHE J 25 21.72 23.38 -13.71
CA PHE J 25 22.34 22.24 -13.04
C PHE J 25 23.83 22.47 -12.82
N ALA J 26 24.54 22.88 -13.87
CA ALA J 26 25.98 23.12 -13.76
C ALA J 26 26.30 24.19 -12.72
N VAL J 27 25.57 25.31 -12.76
CA VAL J 27 25.85 26.41 -11.84
C VAL J 27 25.53 26.01 -10.40
N ASP J 28 24.38 25.37 -10.19
CA ASP J 28 24.01 24.92 -8.85
C ASP J 28 25.02 23.93 -8.29
N GLU J 29 25.40 22.93 -9.11
CA GLU J 29 26.31 21.91 -8.64
C GLU J 29 27.70 22.47 -8.39
N HIS J 30 28.13 23.42 -9.22
CA HIS J 30 29.39 24.11 -8.95
C HIS J 30 29.31 24.87 -7.62
N ASN J 31 28.20 25.60 -7.41
CA ASN J 31 27.99 26.30 -6.16
C ASN J 31 28.06 25.36 -4.96
N LYS J 32 27.51 24.16 -5.09
CA LYS J 32 27.59 23.19 -4.00
C LYS J 32 28.96 22.54 -3.89
N LYS J 33 29.72 22.51 -4.99
CA LYS J 33 31.02 21.84 -4.98
C LYS J 33 32.13 22.74 -4.44
N GLU J 34 32.01 24.06 -4.60
CA GLU J 34 33.01 24.98 -4.12
C GLU J 34 32.46 25.94 -3.07
N ASN J 35 31.24 25.70 -2.58
CA ASN J 35 30.53 26.62 -1.70
C ASN J 35 30.46 28.02 -2.31
N ALA J 36 30.46 28.10 -3.64
CA ALA J 36 30.28 29.37 -4.33
C ALA J 36 28.81 29.77 -4.35
N LEU J 37 28.57 31.06 -4.64
CA LEU J 37 27.22 31.61 -4.72
C LEU J 37 27.14 32.36 -6.04
N LEU J 38 27.01 31.62 -7.13
CA LEU J 38 26.93 32.19 -8.46
C LEU J 38 25.47 32.42 -8.86
N GLU J 39 25.20 33.57 -9.45
CA GLU J 39 23.85 33.93 -9.90
C GLU J 39 23.77 33.66 -11.40
N PHE J 40 23.12 32.56 -11.77
CA PHE J 40 22.96 32.21 -13.18
C PHE J 40 22.25 33.33 -13.93
N VAL J 41 22.85 33.78 -15.04
CA VAL J 41 22.24 34.80 -15.86
C VAL J 41 21.63 34.17 -17.11
N ARG J 42 22.46 33.56 -17.94
CA ARG J 42 21.99 33.00 -19.21
C ARG J 42 23.08 32.12 -19.81
N VAL J 43 22.72 31.42 -20.88
CA VAL J 43 23.62 30.58 -21.64
C VAL J 43 23.91 31.31 -22.95
N VAL J 44 25.17 31.64 -23.19
CA VAL J 44 25.56 32.38 -24.39
C VAL J 44 25.83 31.45 -25.55
N LYS J 45 26.66 30.42 -25.35
CA LYS J 45 27.03 29.50 -26.41
C LYS J 45 26.95 28.07 -25.91
N ALA J 46 26.68 27.15 -26.83
CA ALA J 46 26.56 25.74 -26.49
C ALA J 46 27.23 24.90 -27.57
N LYS J 47 28.04 23.94 -27.15
CA LYS J 47 28.60 22.96 -28.07
C LYS J 47 28.36 21.61 -27.44
N GLU J 48 28.12 20.59 -28.26
CA GLU J 48 27.77 19.29 -27.70
C GLU J 48 28.43 18.19 -28.52
N GLN J 49 28.74 17.08 -27.83
CA GLN J 49 29.17 15.86 -28.52
C GLN J 49 28.18 14.76 -28.15
N ILE J 50 27.56 14.15 -29.16
CA ILE J 50 26.51 13.18 -28.94
C ILE J 50 26.85 11.87 -29.64
N TRP J 51 26.65 10.76 -28.95
CA TRP J 51 26.58 9.44 -29.55
C TRP J 51 25.13 8.98 -29.43
N GLU J 52 24.54 8.54 -30.53
CA GLU J 52 23.13 8.16 -30.54
C GLU J 52 22.90 6.73 -30.95
N MET J 53 23.51 5.79 -30.23
CA MET J 53 23.30 4.38 -30.56
C MET J 53 21.83 4.07 -30.44
N ASP J 54 21.35 3.14 -31.27
CA ASP J 54 19.95 2.74 -31.21
C ASP J 54 19.58 2.30 -29.81
N ALA J 55 18.69 3.08 -29.17
CA ALA J 55 18.21 2.93 -27.80
C ALA J 55 19.21 3.41 -26.75
N SER J 56 19.93 4.50 -27.02
CA SER J 56 20.88 5.08 -26.09
C SER J 56 21.36 6.42 -26.64
N LYS J 57 21.65 7.35 -25.74
CA LYS J 57 22.13 8.68 -26.13
C LYS J 57 23.14 9.15 -25.10
N GLU J 58 24.42 9.16 -25.47
CA GLU J 58 25.47 9.72 -24.64
C GLU J 58 25.76 11.12 -25.11
N THR J 59 25.87 12.07 -24.18
CA THR J 59 26.07 13.47 -24.55
C THR J 59 27.00 14.17 -23.59
N MET J 60 28.04 14.81 -24.13
CA MET J 60 28.88 15.71 -23.35
C MET J 60 28.56 17.14 -23.78
N TYR J 61 27.94 17.91 -22.88
CA TYR J 61 27.57 19.29 -23.15
C TYR J 61 28.70 20.22 -22.70
N TYR J 62 29.12 21.12 -23.60
CA TYR J 62 30.10 22.16 -23.33
C TYR J 62 29.38 23.50 -23.47
N LEU J 63 28.84 24.01 -22.36
CA LEU J 63 28.07 25.25 -22.38
C LEU J 63 28.91 26.39 -21.82
N THR J 64 28.98 27.49 -22.56
CA THR J 64 29.56 28.73 -22.06
C THR J 64 28.42 29.66 -21.72
N LEU J 65 28.22 29.89 -20.42
CA LEU J 65 27.13 30.65 -19.87
C LEU J 65 27.68 31.85 -19.11
N GLU J 66 26.81 32.84 -18.89
CA GLU J 66 27.14 34.02 -18.12
C GLU J 66 26.46 33.94 -16.76
N ALA J 67 27.25 34.15 -15.71
CA ALA J 67 26.75 34.15 -14.34
C ALA J 67 27.47 35.22 -13.55
N LYS J 68 26.80 35.88 -12.61
CA LYS J 68 27.51 36.94 -11.87
C LYS J 68 28.03 36.52 -10.50
N ASP J 69 29.33 36.29 -10.40
CA ASP J 69 29.97 35.90 -9.13
C ASP J 69 30.00 36.96 -8.04
N GLY J 70 30.37 38.20 -8.40
CA GLY J 70 30.45 39.29 -7.44
C GLY J 70 29.34 40.29 -7.59
N GLY J 71 28.41 39.96 -8.48
CA GLY J 71 27.27 40.80 -8.78
C GLY J 71 27.34 41.29 -10.22
N LYS J 72 28.54 41.30 -10.77
CA LYS J 72 28.78 41.64 -12.17
C LYS J 72 28.96 40.36 -12.97
N LYS J 73 28.39 40.33 -14.18
CA LYS J 73 28.43 39.12 -15.00
C LYS J 73 29.86 38.73 -15.35
N LYS J 74 30.11 37.43 -15.28
CA LYS J 74 31.36 36.82 -15.72
C LYS J 74 31.00 35.58 -16.53
N LEU J 75 31.96 35.09 -17.31
CA LEU J 75 31.71 34.03 -18.27
C LEU J 75 32.39 32.73 -17.85
N TYR J 76 31.60 31.66 -17.75
CA TYR J 76 32.13 30.34 -17.39
C TYR J 76 31.69 29.30 -18.39
N GLU J 77 32.56 28.35 -18.68
CA GLU J 77 32.24 27.18 -19.50
C GLU J 77 32.21 25.96 -18.59
N ALA J 78 31.09 25.25 -18.62
CA ALA J 78 30.91 24.00 -17.89
C ALA J 78 30.57 22.90 -18.89
N LYS J 79 31.03 21.70 -18.59
CA LYS J 79 30.71 20.53 -19.40
C LYS J 79 30.03 19.50 -18.52
N VAL J 80 28.81 19.14 -18.89
CA VAL J 80 27.96 18.22 -18.15
C VAL J 80 27.77 16.99 -19.01
N TRP J 81 28.00 15.82 -18.42
CA TRP J 81 27.80 14.55 -19.12
C TRP J 81 26.40 14.04 -18.79
N VAL J 82 25.66 13.66 -19.82
CA VAL J 82 24.28 13.19 -19.70
C VAL J 82 24.16 11.94 -20.54
N LYS J 83 23.90 10.81 -19.89
CA LYS J 83 23.71 9.54 -20.57
C LYS J 83 22.29 9.05 -20.36
N MET J 84 21.60 8.80 -21.46
CA MET J 84 20.20 8.37 -21.47
C MET J 84 20.18 6.94 -21.98
N THR J 85 20.07 6.00 -21.05
CA THR J 85 20.08 4.57 -21.34
C THR J 85 18.68 4.01 -21.09
N HIS J 86 18.10 3.43 -22.12
CA HIS J 86 16.78 2.80 -21.99
C HIS J 86 16.80 1.45 -22.70
N TRP J 87 16.17 0.47 -22.05
CA TRP J 87 16.02 -0.88 -22.55
C TRP J 87 14.54 -1.23 -22.47
N ILE J 88 14.22 -2.48 -22.81
CA ILE J 88 12.82 -2.89 -23.02
C ILE J 88 11.92 -2.56 -21.83
N GLY J 89 12.45 -2.61 -20.61
CA GLY J 89 11.59 -2.38 -19.46
C GLY J 89 11.80 -1.11 -18.67
N ALA J 90 12.91 -0.41 -18.90
CA ALA J 90 13.27 0.70 -18.03
C ALA J 90 14.03 1.74 -18.83
N MET J 91 14.31 2.87 -18.17
CA MET J 91 15.21 3.86 -18.73
C MET J 91 15.96 4.54 -17.59
N ASN J 92 17.25 4.77 -17.81
CA ASN J 92 18.08 5.53 -16.91
C ASN J 92 18.41 6.87 -17.54
N ASN J 93 18.40 7.92 -16.72
CA ASN J 93 18.87 9.24 -17.13
C ASN J 93 19.92 9.65 -16.10
N PHE J 94 21.18 9.47 -16.46
CA PHE J 94 22.30 9.86 -15.61
C PHE J 94 22.91 11.13 -16.17
N LYS J 95 23.14 12.10 -15.30
CA LYS J 95 23.82 13.32 -15.67
C LYS J 95 24.87 13.63 -14.63
N GLU J 96 25.96 14.25 -15.06
CA GLU J 96 27.11 14.46 -14.20
C GLU J 96 27.83 15.72 -14.64
N LEU J 97 28.12 16.60 -13.70
CA LEU J 97 28.88 17.81 -14.01
C LEU J 97 30.33 17.40 -14.16
N GLN J 98 30.86 17.52 -15.37
CA GLN J 98 32.21 17.05 -15.66
C GLN J 98 33.27 18.11 -15.42
N GLU J 99 32.95 19.38 -15.68
CA GLU J 99 33.93 20.44 -15.45
C GLU J 99 33.23 21.78 -15.37
N PHE J 100 33.75 22.66 -14.51
CA PHE J 100 33.33 24.04 -14.45
C PHE J 100 34.60 24.88 -14.42
N LYS J 101 34.71 25.85 -15.33
CA LYS J 101 35.95 26.60 -15.45
C LYS J 101 35.64 27.94 -16.10
N PRO J 102 36.34 29.01 -15.72
CA PRO J 102 36.18 30.30 -16.42
C PRO J 102 36.70 30.26 -17.85
N GLU K 14 1.81 34.33 8.33
CA GLU K 14 1.58 35.77 8.26
C GLU K 14 2.86 36.52 7.89
N ASN K 15 3.48 36.10 6.79
CA ASN K 15 4.72 36.70 6.32
C ASN K 15 4.63 36.84 4.80
N SER K 16 5.63 37.51 4.21
CA SER K 16 5.54 37.83 2.79
C SER K 16 5.78 36.60 1.90
N LEU K 17 6.45 35.57 2.44
CA LEU K 17 6.56 34.31 1.69
C LEU K 17 5.21 33.60 1.69
N GLU K 18 4.57 33.51 2.86
CA GLU K 18 3.24 32.94 2.95
C GLU K 18 2.24 33.76 2.17
N ILE K 19 2.46 35.07 2.06
CA ILE K 19 1.61 35.91 1.22
C ILE K 19 1.84 35.60 -0.25
N GLU K 20 3.10 35.39 -0.65
CA GLU K 20 3.37 34.95 -2.02
C GLU K 20 2.63 33.66 -2.33
N GLU K 21 2.64 32.71 -1.39
CA GLU K 21 1.96 31.43 -1.62
C GLU K 21 0.44 31.58 -1.61
N LEU K 22 -0.07 32.51 -0.80
CA LEU K 22 -1.51 32.79 -0.79
C LEU K 22 -1.95 33.49 -2.07
N ALA K 23 -1.08 34.34 -2.63
CA ALA K 23 -1.40 35.01 -3.88
C ALA K 23 -1.37 34.03 -5.04
N ARG K 24 -0.35 33.17 -5.11
CA ARG K 24 -0.34 32.12 -6.12
C ARG K 24 -1.54 31.21 -5.95
N PHE K 25 -1.92 30.93 -4.70
CA PHE K 25 -3.14 30.19 -4.40
C PHE K 25 -4.36 30.90 -4.98
N ALA K 26 -4.47 32.20 -4.73
CA ALA K 26 -5.60 32.99 -5.23
C ALA K 26 -5.69 32.93 -6.74
N VAL K 27 -4.56 33.13 -7.42
CA VAL K 27 -4.54 33.14 -8.88
C VAL K 27 -4.90 31.75 -9.42
N ASP K 28 -4.31 30.71 -8.85
CA ASP K 28 -4.59 29.35 -9.28
C ASP K 28 -6.06 29.00 -9.09
N GLU K 29 -6.60 29.33 -7.91
CA GLU K 29 -7.98 28.99 -7.59
C GLU K 29 -8.97 29.80 -8.43
N HIS K 30 -8.66 31.06 -8.71
CA HIS K 30 -9.48 31.85 -9.61
C HIS K 30 -9.46 31.23 -11.01
N ASN K 31 -8.27 30.84 -11.47
CA ASN K 31 -8.14 30.15 -12.75
C ASN K 31 -8.98 28.88 -12.79
N LYS K 32 -9.04 28.16 -11.67
CA LYS K 32 -9.86 26.96 -11.60
C LYS K 32 -11.33 27.28 -11.47
N LYS K 33 -11.66 28.48 -10.97
CA LYS K 33 -13.05 28.85 -10.73
C LYS K 33 -13.73 29.34 -11.99
N GLU K 34 -12.99 29.95 -12.91
CA GLU K 34 -13.57 30.43 -14.15
C GLU K 34 -12.99 29.75 -15.38
N ASN K 35 -12.20 28.69 -15.19
CA ASN K 35 -11.41 28.09 -16.28
C ASN K 35 -10.57 29.14 -16.98
N ALA K 36 -10.23 30.20 -16.25
CA ALA K 36 -9.34 31.25 -16.73
C ALA K 36 -7.88 30.81 -16.59
N LEU K 37 -7.01 31.54 -17.27
CA LEU K 37 -5.57 31.28 -17.22
C LEU K 37 -4.84 32.58 -16.92
N LEU K 38 -4.86 33.00 -15.66
CA LEU K 38 -4.13 34.19 -15.24
C LEU K 38 -2.75 33.75 -14.77
N GLU K 39 -1.73 34.46 -15.25
CA GLU K 39 -0.34 34.17 -14.89
C GLU K 39 0.12 35.19 -13.86
N PHE K 40 0.28 34.74 -12.62
CA PHE K 40 0.65 35.58 -11.49
C PHE K 40 1.92 36.38 -11.76
N VAL K 41 1.83 37.70 -11.53
CA VAL K 41 2.96 38.60 -11.71
C VAL K 41 3.59 39.00 -10.36
N ARG K 42 2.83 39.68 -9.50
CA ARG K 42 3.40 40.20 -8.27
C ARG K 42 2.28 40.65 -7.33
N VAL K 43 2.68 41.00 -6.11
CA VAL K 43 1.78 41.52 -5.09
C VAL K 43 2.04 43.01 -4.92
N VAL K 44 1.02 43.83 -5.16
CA VAL K 44 1.18 45.28 -5.02
C VAL K 44 0.84 45.74 -3.60
N LYS K 45 -0.32 45.36 -3.05
CA LYS K 45 -0.67 45.81 -1.71
C LYS K 45 -1.28 44.67 -0.91
N ALA K 46 -1.06 44.70 0.41
CA ALA K 46 -1.65 43.71 1.30
C ALA K 46 -2.03 44.34 2.64
N LYS K 47 -3.28 44.15 3.05
CA LYS K 47 -3.76 44.53 4.36
C LYS K 47 -4.56 43.37 4.91
N GLU K 48 -4.55 43.18 6.24
CA GLU K 48 -5.20 42.02 6.82
C GLU K 48 -5.93 42.41 8.10
N GLN K 49 -6.99 41.64 8.40
CA GLN K 49 -7.69 41.74 9.69
C GLN K 49 -7.59 40.40 10.39
N ILE K 50 -7.22 40.44 11.67
CA ILE K 50 -6.86 39.24 12.42
C ILE K 50 -7.84 39.07 13.58
N TRP K 51 -8.37 37.87 13.72
CA TRP K 51 -9.05 37.46 14.95
C TRP K 51 -8.25 36.33 15.59
N GLU K 52 -7.99 36.43 16.89
CA GLU K 52 -7.24 35.40 17.59
C GLU K 52 -8.13 34.86 18.71
N MET K 53 -8.42 33.56 18.66
CA MET K 53 -9.31 32.94 19.62
C MET K 53 -8.60 31.79 20.32
N ASP K 54 -9.26 31.25 21.35
CA ASP K 54 -8.71 30.14 22.11
C ASP K 54 -8.36 28.98 21.19
N ALA K 55 -7.08 28.63 21.17
CA ALA K 55 -6.54 27.52 20.37
C ALA K 55 -6.71 27.75 18.87
N SER K 56 -6.85 28.99 18.41
CA SER K 56 -7.03 29.21 16.98
C SER K 56 -6.61 30.62 16.59
N LYS K 57 -6.16 30.74 15.34
CA LYS K 57 -5.83 32.02 14.72
C LYS K 57 -6.62 32.12 13.42
N GLU K 58 -7.66 32.95 13.41
CA GLU K 58 -8.40 33.27 12.20
C GLU K 58 -7.79 34.50 11.54
N THR K 59 -7.64 34.44 10.22
CA THR K 59 -6.97 35.49 9.46
C THR K 59 -7.73 35.78 8.18
N MET K 60 -8.06 37.05 7.96
CA MET K 60 -8.62 37.52 6.71
C MET K 60 -7.56 38.32 5.96
N TYR K 61 -7.08 37.76 4.86
CA TYR K 61 -6.08 38.40 4.02
C TYR K 61 -6.78 39.22 2.94
N TYR K 62 -6.37 40.47 2.80
CA TYR K 62 -6.83 41.40 1.76
C TYR K 62 -5.65 41.66 0.84
N LEU K 63 -5.53 40.85 -0.21
CA LEU K 63 -4.42 40.95 -1.14
C LEU K 63 -4.88 41.61 -2.43
N THR K 64 -4.20 42.68 -2.82
CA THR K 64 -4.34 43.26 -4.15
C THR K 64 -3.07 42.90 -4.92
N LEU K 65 -3.23 42.06 -5.95
CA LEU K 65 -2.12 41.51 -6.70
C LEU K 65 -2.21 41.89 -8.17
N GLU K 66 -1.08 41.75 -8.86
CA GLU K 66 -1.00 41.96 -10.31
C GLU K 66 -0.83 40.61 -11.00
N ALA K 67 -1.66 40.35 -12.01
CA ALA K 67 -1.58 39.12 -12.78
C ALA K 67 -1.88 39.41 -14.25
N LYS K 68 -1.20 38.68 -15.14
CA LYS K 68 -1.31 38.88 -16.58
C LYS K 68 -2.32 37.90 -17.16
N ASP K 69 -3.39 38.42 -17.75
CA ASP K 69 -4.40 37.60 -18.44
C ASP K 69 -4.04 37.42 -19.91
N GLY K 70 -4.25 38.47 -20.72
CA GLY K 70 -3.89 38.42 -22.12
C GLY K 70 -2.41 38.41 -22.40
N GLY K 71 -1.59 38.70 -21.38
CA GLY K 71 -0.15 38.75 -21.54
C GLY K 71 0.41 39.99 -20.87
N LYS K 72 -0.44 41.00 -20.71
CA LYS K 72 -0.09 42.24 -20.03
C LYS K 72 -0.66 42.24 -18.62
N LYS K 73 0.13 42.76 -17.68
CA LYS K 73 -0.27 42.76 -16.28
C LYS K 73 -1.55 43.57 -16.06
N LYS K 74 -2.42 43.05 -15.20
CA LYS K 74 -3.64 43.73 -14.78
C LYS K 74 -3.75 43.61 -13.26
N LEU K 75 -4.59 44.44 -12.67
CA LEU K 75 -4.68 44.55 -11.21
C LEU K 75 -5.98 43.94 -10.72
N TYR K 76 -5.87 43.02 -9.77
CA TYR K 76 -7.02 42.35 -9.19
C TYR K 76 -6.98 42.45 -7.67
N GLU K 77 -8.17 42.55 -7.09
CA GLU K 77 -8.36 42.56 -5.65
C GLU K 77 -8.95 41.22 -5.25
N ALA K 78 -8.26 40.52 -4.36
CA ALA K 78 -8.68 39.24 -3.82
C ALA K 78 -8.74 39.30 -2.30
N LYS K 79 -9.68 38.56 -1.75
CA LYS K 79 -9.85 38.38 -0.31
C LYS K 79 -9.79 36.89 -0.04
N VAL K 80 -8.82 36.47 0.77
CA VAL K 80 -8.60 35.06 1.08
C VAL K 80 -8.83 34.85 2.57
N TRP K 81 -9.65 33.86 2.91
CA TRP K 81 -9.90 33.48 4.29
C TRP K 81 -8.99 32.33 4.66
N VAL K 82 -8.31 32.45 5.80
CA VAL K 82 -7.35 31.44 6.26
C VAL K 82 -7.57 31.22 7.74
N LYS K 83 -7.95 30.00 8.11
CA LYS K 83 -8.17 29.63 9.51
C LYS K 83 -7.14 28.59 9.93
N MET K 84 -6.33 28.92 10.92
CA MET K 84 -5.31 28.00 11.45
C MET K 84 -5.75 27.57 12.84
N THR K 85 -6.08 26.29 12.99
CA THR K 85 -6.55 25.73 14.25
C THR K 85 -5.59 24.63 14.69
N HIS K 86 -5.04 24.76 15.89
CA HIS K 86 -4.08 23.79 16.39
C HIS K 86 -4.41 23.37 17.82
N TRP K 87 -4.30 22.06 18.06
CA TRP K 87 -4.49 21.42 19.36
C TRP K 87 -3.35 20.43 19.62
N ILE K 88 -3.42 19.76 20.77
CA ILE K 88 -2.31 18.95 21.28
C ILE K 88 -1.77 17.96 20.24
N GLY K 89 -2.66 17.38 19.42
CA GLY K 89 -2.17 16.38 18.49
C GLY K 89 -2.07 16.78 17.03
N ALA K 90 -2.71 17.88 16.65
CA ALA K 90 -2.81 18.23 15.24
C ALA K 90 -2.90 19.73 15.07
N MET K 91 -2.84 20.16 13.82
CA MET K 91 -3.14 21.52 13.43
C MET K 91 -3.74 21.49 12.03
N ASN K 92 -4.77 22.29 11.82
CA ASN K 92 -5.38 22.46 10.51
C ASN K 92 -5.08 23.85 9.97
N ASN K 93 -4.81 23.90 8.67
CA ASN K 93 -4.68 25.16 7.93
C ASN K 93 -5.64 25.08 6.76
N PHE K 94 -6.79 25.73 6.90
CA PHE K 94 -7.78 25.80 5.84
C PHE K 94 -7.74 27.18 5.21
N LYS K 95 -7.74 27.22 3.89
CA LYS K 95 -7.78 28.48 3.15
C LYS K 95 -8.83 28.36 2.06
N GLU K 96 -9.46 29.48 1.75
CA GLU K 96 -10.58 29.52 0.82
C GLU K 96 -10.57 30.86 0.14
N LEU K 97 -10.70 30.84 -1.19
CA LEU K 97 -10.75 32.09 -1.94
C LEU K 97 -12.11 32.72 -1.74
N GLN K 98 -12.13 33.87 -1.07
CA GLN K 98 -13.39 34.54 -0.75
C GLN K 98 -13.81 35.49 -1.85
N GLU K 99 -12.85 36.12 -2.52
CA GLU K 99 -13.20 37.04 -3.58
C GLU K 99 -12.01 37.25 -4.51
N PHE K 100 -12.30 37.28 -5.82
CA PHE K 100 -11.33 37.65 -6.83
C PHE K 100 -12.06 38.54 -7.82
N LYS K 101 -11.54 39.75 -8.06
CA LYS K 101 -12.28 40.67 -8.91
C LYS K 101 -11.33 41.69 -9.49
N PRO K 102 -11.57 42.14 -10.72
CA PRO K 102 -10.79 43.26 -11.26
C PRO K 102 -11.09 44.53 -10.48
N VAL K 103 -10.27 45.55 -10.74
CA VAL K 103 -10.38 46.82 -10.03
C VAL K 103 -11.74 47.49 -10.24
N GLY K 104 -12.45 47.14 -11.29
CA GLY K 104 -13.75 47.72 -11.57
C GLY K 104 -14.88 47.10 -10.76
N GLU L 14 -30.53 -23.10 9.09
CA GLU L 14 -30.92 -24.36 9.72
C GLU L 14 -31.92 -24.10 10.84
N ASN L 15 -31.52 -24.37 12.08
CA ASN L 15 -32.32 -23.99 13.24
C ASN L 15 -31.85 -22.63 13.75
N SER L 16 -32.62 -22.07 14.69
CA SER L 16 -32.40 -20.67 15.09
C SER L 16 -31.14 -20.48 15.92
N LEU L 17 -30.64 -21.55 16.54
CA LEU L 17 -29.37 -21.45 17.28
C LEU L 17 -28.21 -21.24 16.33
N GLU L 18 -28.16 -22.01 15.23
CA GLU L 18 -27.10 -21.83 14.24
C GLU L 18 -27.16 -20.45 13.60
N ILE L 19 -28.35 -19.89 13.43
CA ILE L 19 -28.44 -18.52 12.90
C ILE L 19 -27.93 -17.52 13.92
N GLU L 20 -28.30 -17.70 15.19
CA GLU L 20 -27.73 -16.83 16.22
C GLU L 20 -26.21 -16.89 16.18
N GLU L 21 -25.66 -18.09 15.96
CA GLU L 21 -24.21 -18.25 15.95
C GLU L 21 -23.60 -17.59 14.72
N LEU L 22 -24.28 -17.64 13.57
CA LEU L 22 -23.80 -16.97 12.38
C LEU L 22 -23.92 -15.45 12.47
N ALA L 23 -24.94 -14.94 13.15
CA ALA L 23 -25.06 -13.50 13.34
C ALA L 23 -23.99 -12.98 14.29
N ARG L 24 -23.77 -13.68 15.41
CA ARG L 24 -22.67 -13.31 16.30
C ARG L 24 -21.33 -13.41 15.57
N PHE L 25 -21.17 -14.43 14.72
CA PHE L 25 -19.98 -14.52 13.87
C PHE L 25 -19.83 -13.29 12.99
N ALA L 26 -20.91 -12.89 12.30
CA ALA L 26 -20.86 -11.73 11.42
C ALA L 26 -20.48 -10.47 12.19
N VAL L 27 -21.11 -10.25 13.35
CA VAL L 27 -20.85 -9.03 14.11
C VAL L 27 -19.42 -9.01 14.65
N ASP L 28 -18.97 -10.13 15.22
CA ASP L 28 -17.61 -10.20 15.74
C ASP L 28 -16.58 -9.99 14.64
N GLU L 29 -16.76 -10.67 13.50
CA GLU L 29 -15.78 -10.56 12.43
C GLU L 29 -15.79 -9.18 11.79
N HIS L 30 -16.97 -8.56 11.67
CA HIS L 30 -17.03 -7.18 11.20
C HIS L 30 -16.31 -6.26 12.17
N ASN L 31 -16.56 -6.44 13.47
CA ASN L 31 -15.86 -5.66 14.48
C ASN L 31 -14.36 -5.81 14.33
N LYS L 32 -13.90 -7.01 13.97
CA LYS L 32 -12.48 -7.22 13.74
C LYS L 32 -12.01 -6.61 12.43
N LYS L 33 -12.91 -6.45 11.46
CA LYS L 33 -12.51 -5.95 10.15
C LYS L 33 -12.45 -4.44 10.07
N GLU L 34 -13.31 -3.73 10.80
CA GLU L 34 -13.36 -2.27 10.74
C GLU L 34 -13.13 -1.60 12.09
N ASN L 35 -12.70 -2.34 13.11
CA ASN L 35 -12.58 -1.83 14.49
C ASN L 35 -13.88 -1.23 15.01
N ALA L 36 -15.01 -1.76 14.55
CA ALA L 36 -16.31 -1.36 15.05
C ALA L 36 -16.57 -2.02 16.40
N LEU L 37 -17.55 -1.47 17.12
CA LEU L 37 -17.94 -1.97 18.43
C LEU L 37 -19.46 -2.14 18.43
N LEU L 38 -19.93 -3.16 17.73
CA LEU L 38 -21.34 -3.47 17.64
C LEU L 38 -21.73 -4.51 18.69
N GLU L 39 -22.82 -4.25 19.39
CA GLU L 39 -23.34 -5.15 20.42
C GLU L 39 -24.54 -5.89 19.83
N PHE L 40 -24.35 -7.18 19.54
CA PHE L 40 -25.44 -8.00 19.01
C PHE L 40 -26.65 -7.97 19.92
N VAL L 41 -27.81 -7.64 19.35
CA VAL L 41 -29.07 -7.63 20.09
C VAL L 41 -29.85 -8.90 19.76
N ARG L 42 -30.17 -9.08 18.48
CA ARG L 42 -31.03 -10.19 18.05
C ARG L 42 -30.95 -10.30 16.55
N VAL L 43 -31.57 -11.34 16.03
CA VAL L 43 -31.71 -11.54 14.59
C VAL L 43 -33.16 -11.21 14.26
N VAL L 44 -33.36 -10.22 13.40
CA VAL L 44 -34.73 -9.80 13.06
C VAL L 44 -35.26 -10.65 11.94
N LYS L 45 -34.47 -10.79 10.88
CA LYS L 45 -34.86 -11.55 9.71
C LYS L 45 -33.69 -12.42 9.28
N ALA L 46 -34.02 -13.53 8.66
CA ALA L 46 -33.02 -14.43 8.12
C ALA L 46 -33.56 -14.98 6.81
N LYS L 47 -32.74 -14.92 5.77
CA LYS L 47 -33.05 -15.51 4.48
C LYS L 47 -31.86 -16.36 4.08
N GLU L 48 -32.08 -17.43 3.34
CA GLU L 48 -30.99 -18.33 3.00
C GLU L 48 -31.14 -18.85 1.57
N GLN L 49 -30.01 -19.14 0.96
CA GLN L 49 -29.95 -19.91 -0.28
C GLN L 49 -29.11 -21.15 0.00
N ILE L 50 -29.65 -22.33 -0.27
CA ILE L 50 -28.96 -23.58 0.04
C ILE L 50 -28.82 -24.41 -1.23
N TRP L 51 -27.61 -24.91 -1.47
CA TRP L 51 -27.35 -25.95 -2.43
C TRP L 51 -26.86 -27.17 -1.65
N GLU L 52 -27.47 -28.33 -1.87
CA GLU L 52 -27.10 -29.53 -1.15
C GLU L 52 -26.72 -30.60 -2.17
N MET L 53 -25.49 -31.09 -2.08
CA MET L 53 -24.95 -32.08 -3.00
C MET L 53 -24.58 -33.34 -2.24
N ASP L 54 -24.22 -34.38 -3.01
CA ASP L 54 -23.82 -35.65 -2.44
C ASP L 54 -22.72 -35.46 -1.39
N ALA L 55 -23.07 -35.66 -0.12
CA ALA L 55 -22.18 -35.58 1.03
C ALA L 55 -21.70 -34.15 1.32
N SER L 56 -22.45 -33.13 0.90
CA SER L 56 -22.05 -31.75 1.15
C SER L 56 -23.27 -30.85 1.16
N LYS L 57 -23.11 -29.71 1.81
CA LYS L 57 -24.16 -28.69 1.91
C LYS L 57 -23.50 -27.32 1.89
N GLU L 58 -23.60 -26.65 0.74
CA GLU L 58 -23.23 -25.25 0.62
C GLU L 58 -24.43 -24.38 0.97
N THR L 59 -24.20 -23.35 1.78
CA THR L 59 -25.26 -22.48 2.27
C THR L 59 -24.78 -21.05 2.28
N MET L 60 -25.53 -20.16 1.64
CA MET L 60 -25.30 -18.72 1.73
C MET L 60 -26.38 -18.13 2.62
N TYR L 61 -25.97 -17.66 3.79
CA TYR L 61 -26.85 -17.08 4.79
C TYR L 61 -26.93 -15.57 4.58
N TYR L 62 -28.15 -15.05 4.49
CA TYR L 62 -28.42 -13.61 4.41
C TYR L 62 -29.17 -13.23 5.68
N LEU L 63 -28.44 -12.83 6.72
CA LEU L 63 -29.04 -12.54 8.02
C LEU L 63 -29.17 -11.03 8.17
N THR L 64 -30.37 -10.60 8.51
CA THR L 64 -30.63 -9.21 8.89
C THR L 64 -30.78 -9.18 10.41
N LEU L 65 -29.80 -8.59 11.08
CA LEU L 65 -29.72 -8.60 12.53
C LEU L 65 -29.78 -7.18 13.06
N GLU L 66 -30.09 -7.08 14.35
CA GLU L 66 -30.08 -5.81 15.08
C GLU L 66 -28.86 -5.79 15.98
N ALA L 67 -28.09 -4.70 15.89
CA ALA L 67 -26.91 -4.53 16.73
C ALA L 67 -26.77 -3.07 17.10
N LYS L 68 -26.24 -2.79 18.27
CA LYS L 68 -26.05 -1.40 18.68
C LYS L 68 -24.57 -1.14 18.91
N ASP L 69 -24.05 -0.09 18.30
CA ASP L 69 -22.65 0.25 18.50
C ASP L 69 -22.47 1.52 19.32
N GLY L 70 -23.07 2.60 18.85
CA GLY L 70 -23.00 3.87 19.54
C GLY L 70 -23.71 3.78 20.89
N GLY L 71 -24.83 3.09 20.85
CA GLY L 71 -25.69 2.89 22.01
C GLY L 71 -27.14 2.76 21.61
N LYS L 72 -27.47 3.28 20.42
CA LYS L 72 -28.81 3.15 19.87
C LYS L 72 -28.82 2.00 18.87
N LYS L 73 -29.88 1.19 18.92
CA LYS L 73 -29.96 0.02 18.06
C LYS L 73 -29.99 0.43 16.59
N LYS L 74 -29.25 -0.31 15.77
CA LYS L 74 -29.27 -0.13 14.32
C LYS L 74 -29.38 -1.50 13.66
N LEU L 75 -29.78 -1.49 12.39
CA LEU L 75 -30.09 -2.71 11.67
C LEU L 75 -29.02 -2.94 10.61
N TYR L 76 -28.44 -4.13 10.61
CA TYR L 76 -27.38 -4.49 9.67
C TYR L 76 -27.76 -5.77 8.94
N GLU L 77 -27.40 -5.82 7.67
CA GLU L 77 -27.57 -7.00 6.82
C GLU L 77 -26.19 -7.58 6.52
N ALA L 78 -26.00 -8.84 6.89
CA ALA L 78 -24.77 -9.57 6.65
C ALA L 78 -25.06 -10.83 5.85
N LYS L 79 -24.14 -11.21 4.98
CA LYS L 79 -24.22 -12.48 4.25
C LYS L 79 -22.95 -13.26 4.51
N VAL L 80 -23.12 -14.46 5.08
CA VAL L 80 -22.05 -15.36 5.47
C VAL L 80 -22.16 -16.64 4.64
N TRP L 81 -21.03 -17.07 4.08
CA TRP L 81 -20.96 -18.31 3.32
C TRP L 81 -20.50 -19.43 4.24
N VAL L 82 -21.21 -20.57 4.19
CA VAL L 82 -20.95 -21.70 5.06
C VAL L 82 -20.99 -22.96 4.21
N LYS L 83 -19.87 -23.67 4.11
CA LYS L 83 -19.79 -24.92 3.37
C LYS L 83 -19.48 -26.10 4.30
N MET L 84 -20.33 -27.11 4.26
CA MET L 84 -20.15 -28.33 5.04
C MET L 84 -19.80 -29.46 4.07
N THR L 85 -18.59 -30.00 4.20
CA THR L 85 -18.12 -31.11 3.37
C THR L 85 -17.78 -32.28 4.28
N HIS L 86 -18.39 -33.44 4.04
CA HIS L 86 -18.16 -34.61 4.87
C HIS L 86 -17.92 -35.85 4.02
N TRP L 87 -16.94 -36.63 4.42
CA TRP L 87 -16.63 -37.93 3.82
C TRP L 87 -16.50 -38.94 4.95
N ILE L 88 -16.24 -40.20 4.58
CA ILE L 88 -16.28 -41.31 5.55
C ILE L 88 -15.38 -41.04 6.74
N GLY L 89 -14.20 -40.47 6.51
CA GLY L 89 -13.30 -40.27 7.62
C GLY L 89 -13.37 -38.92 8.30
N ALA L 90 -14.00 -37.93 7.69
CA ALA L 90 -13.91 -36.57 8.21
C ALA L 90 -15.16 -35.78 7.86
N MET L 91 -15.23 -34.58 8.44
CA MET L 91 -16.24 -33.59 8.09
C MET L 91 -15.62 -32.21 8.26
N ASN L 92 -15.84 -31.34 7.29
CA ASN L 92 -15.40 -29.95 7.36
C ASN L 92 -16.60 -29.01 7.44
N ASN L 93 -16.46 -27.97 8.27
CA ASN L 93 -17.43 -26.87 8.32
C ASN L 93 -16.65 -25.57 8.15
N PHE L 94 -16.70 -25.00 6.95
CA PHE L 94 -16.07 -23.74 6.64
C PHE L 94 -17.11 -22.64 6.54
N LYS L 95 -16.84 -21.50 7.16
CA LYS L 95 -17.72 -20.35 7.10
C LYS L 95 -16.89 -19.11 6.76
N GLU L 96 -17.51 -18.17 6.04
CA GLU L 96 -16.82 -16.99 5.54
C GLU L 96 -17.82 -15.85 5.45
N LEU L 97 -17.47 -14.69 6.00
CA LEU L 97 -18.31 -13.50 5.91
C LEU L 97 -18.17 -12.86 4.54
N GLN L 98 -19.26 -12.85 3.78
CA GLN L 98 -19.20 -12.30 2.42
C GLN L 98 -19.52 -10.82 2.39
N GLU L 99 -20.42 -10.32 3.24
CA GLU L 99 -20.71 -8.88 3.22
C GLU L 99 -21.36 -8.46 4.53
N PHE L 100 -21.03 -7.27 5.01
CA PHE L 100 -21.72 -6.69 6.16
C PHE L 100 -22.00 -5.22 5.88
N LYS L 101 -23.27 -4.80 6.05
CA LYS L 101 -23.60 -3.42 5.71
C LYS L 101 -24.83 -2.96 6.46
N PRO L 102 -24.91 -1.70 6.89
CA PRO L 102 -26.15 -1.19 7.49
C PRO L 102 -27.28 -1.07 6.47
N VAL L 103 -28.46 -0.65 6.91
CA VAL L 103 -29.61 -0.52 6.01
C VAL L 103 -29.40 0.59 5.00
#